data_4NF2
#
_entry.id   4NF2
#
_cell.length_a   85.893
_cell.length_b   99.893
_cell.length_c   118.989
_cell.angle_alpha   90.000
_cell.angle_beta   90.000
_cell.angle_gamma   90.000
#
_symmetry.space_group_name_H-M   'P 21 21 21'
#
loop_
_entity.id
_entity.type
_entity.pdbx_description
1 polymer 'Ornithine carbamoyltransferase'
2 non-polymer 'PHOSPHORIC ACID MONO(FORMAMIDE)ESTER'
3 non-polymer NORVALINE
4 non-polymer 'CHLORIDE ION'
5 water water
#
_entity_poly.entity_id   1
_entity_poly.type   'polypeptide(L)'
_entity_poly.pdbx_seq_one_letter_code
;MHHHHHHSSGVDLGTENLYFQSNAMSTVQVPKLNTKDLLTLEELTQEEIISLIEFAIYLKKNKQEPLLQGKILGLIFDKH
STRTRVSFEAGMVQLGGHGMFLNGKEMQMQRGETVSDTAKVLSHYIDGIMIRTFSHADVEELAKESSIPVINGLTDDHHP
CQALADLMTIYEETNTFKGIKLAYVGDGNNVCHSLLLASAKVGMHMTVATPVGYRPNEEIVKKALAIAKETGAEIEILHN
PELAVNEADFIYTDVWMSMGQEGEEEKYTLFQPYQINKELVKHAKQTYHFLHCLPAHREEEVTGEIIDGPQSIVFEQAGN
RLHAQKALLVSLFKNVEELS
;
_entity_poly.pdbx_strand_id   A,B,C
#
# COMPACT_ATOMS: atom_id res chain seq x y z
N GLN A 29 20.46 -26.48 -2.88
CA GLN A 29 21.48 -25.86 -1.99
C GLN A 29 21.45 -24.34 -2.23
N VAL A 30 21.24 -23.57 -1.17
CA VAL A 30 21.16 -22.10 -1.27
C VAL A 30 22.58 -21.51 -1.37
N PRO A 31 22.82 -20.63 -2.35
CA PRO A 31 24.15 -19.97 -2.38
C PRO A 31 24.47 -19.24 -1.09
N LYS A 32 25.70 -19.40 -0.61
CA LYS A 32 26.21 -18.64 0.51
C LYS A 32 26.90 -17.38 -0.05
N LEU A 33 26.59 -16.23 0.52
CA LEU A 33 27.19 -14.94 0.10
C LEU A 33 27.92 -14.29 1.27
N ASN A 34 29.10 -13.73 1.02
CA ASN A 34 29.86 -13.00 2.07
CA ASN A 34 29.84 -12.99 2.04
C ASN A 34 29.43 -11.52 2.12
N THR A 35 28.17 -11.24 1.95
CA THR A 35 27.70 -9.86 2.09
C THR A 35 26.34 -9.95 2.74
N LYS A 36 26.03 -8.93 3.57
CA LYS A 36 24.72 -8.69 4.20
CA LYS A 36 24.72 -8.69 4.20
C LYS A 36 23.75 -8.00 3.20
N ASP A 37 24.30 -7.18 2.30
CA ASP A 37 23.55 -6.24 1.49
C ASP A 37 23.86 -6.39 0.00
N LEU A 38 23.02 -5.81 -0.86
CA LEU A 38 23.38 -5.76 -2.29
C LEU A 38 23.10 -4.37 -2.78
N LEU A 39 24.15 -3.57 -2.84
CA LEU A 39 24.05 -2.19 -3.30
C LEU A 39 24.60 -1.96 -4.66
N THR A 40 25.70 -2.60 -5.06
CA THR A 40 26.25 -2.44 -6.42
C THR A 40 26.69 -3.65 -7.28
N LEU A 41 26.81 -4.82 -6.69
CA LEU A 41 27.39 -6.02 -7.33
C LEU A 41 28.92 -6.12 -7.11
N GLU A 42 29.52 -5.04 -6.66
CA GLU A 42 30.93 -5.06 -6.29
C GLU A 42 31.11 -6.02 -5.14
N GLU A 43 30.06 -6.16 -4.35
CA GLU A 43 30.07 -7.00 -3.12
C GLU A 43 30.14 -8.47 -3.36
N LEU A 44 29.92 -8.87 -4.61
CA LEU A 44 29.81 -10.30 -4.95
C LEU A 44 31.04 -10.71 -5.76
N THR A 45 31.46 -11.96 -5.56
CA THR A 45 32.50 -12.54 -6.40
C THR A 45 31.88 -13.08 -7.67
N GLN A 46 32.75 -13.39 -8.63
CA GLN A 46 32.29 -14.05 -9.85
C GLN A 46 31.54 -15.35 -9.53
N GLU A 47 32.12 -16.17 -8.65
CA GLU A 47 31.54 -17.46 -8.34
C GLU A 47 30.14 -17.31 -7.69
N GLU A 48 30.02 -16.31 -6.81
CA GLU A 48 28.71 -16.04 -6.15
C GLU A 48 27.65 -15.61 -7.16
N ILE A 49 28.03 -14.75 -8.13
CA ILE A 49 27.11 -14.31 -9.18
C ILE A 49 26.64 -15.50 -10.01
N ILE A 50 27.57 -16.35 -10.45
CA ILE A 50 27.19 -17.53 -11.22
C ILE A 50 26.26 -18.46 -10.40
N SER A 51 26.54 -18.63 -9.10
CA SER A 51 25.72 -19.48 -8.24
C SER A 51 24.31 -18.90 -8.13
N LEU A 52 24.23 -17.59 -8.00
CA LEU A 52 22.89 -16.94 -7.96
C LEU A 52 22.08 -17.15 -9.23
N ILE A 53 22.73 -17.03 -10.38
CA ILE A 53 22.08 -17.26 -11.64
C ILE A 53 21.63 -18.73 -11.76
N GLU A 54 22.48 -19.67 -11.41
CA GLU A 54 22.08 -21.06 -11.42
C GLU A 54 20.90 -21.36 -10.48
N PHE A 55 20.95 -20.78 -9.28
CA PHE A 55 19.82 -20.94 -8.33
C PHE A 55 18.50 -20.30 -8.83
N ALA A 56 18.61 -19.14 -9.46
CA ALA A 56 17.46 -18.50 -10.10
C ALA A 56 16.83 -19.37 -11.18
N ILE A 57 17.67 -19.96 -12.02
CA ILE A 57 17.21 -20.90 -13.07
C ILE A 57 16.49 -22.09 -12.42
N TYR A 58 17.03 -22.62 -11.35
CA TYR A 58 16.36 -23.67 -10.57
C TYR A 58 15.02 -23.26 -10.06
N LEU A 59 14.94 -22.07 -9.44
CA LEU A 59 13.67 -21.57 -8.89
C LEU A 59 12.66 -21.32 -10.00
N LYS A 60 13.13 -20.89 -11.17
CA LYS A 60 12.26 -20.60 -12.27
C LYS A 60 11.55 -21.89 -12.73
N LYS A 61 12.29 -22.99 -12.70
CA LYS A 61 11.91 -24.27 -13.36
C LYS A 61 11.08 -25.16 -12.45
N ASN A 62 11.27 -24.99 -11.14
CA ASN A 62 10.77 -25.96 -10.15
C ASN A 62 9.63 -25.41 -9.36
N LYS A 63 8.86 -26.30 -8.73
CA LYS A 63 7.67 -25.94 -7.95
C LYS A 63 8.02 -25.02 -6.77
N GLN A 64 7.15 -24.05 -6.49
CA GLN A 64 7.38 -23.06 -5.42
C GLN A 64 7.38 -23.71 -4.05
N GLU A 65 8.38 -23.42 -3.24
CA GLU A 65 8.37 -23.86 -1.85
C GLU A 65 8.54 -22.64 -0.96
N PRO A 66 8.03 -22.71 0.27
CA PRO A 66 8.01 -21.54 1.18
C PRO A 66 9.30 -21.34 1.94
N LEU A 67 10.34 -21.05 1.18
CA LEU A 67 11.66 -20.88 1.73
C LEU A 67 11.79 -19.66 2.66
N LEU A 68 10.93 -18.66 2.50
CA LEU A 68 10.97 -17.45 3.34
C LEU A 68 9.71 -17.30 4.17
N GLN A 69 9.20 -18.43 4.66
CA GLN A 69 7.99 -18.44 5.45
C GLN A 69 7.99 -17.41 6.57
N GLY A 70 7.02 -16.52 6.57
CA GLY A 70 6.83 -15.59 7.65
C GLY A 70 7.73 -14.33 7.59
N LYS A 71 8.70 -14.33 6.68
CA LYS A 71 9.64 -13.18 6.54
C LYS A 71 8.97 -11.99 5.88
N ILE A 72 9.35 -10.81 6.31
CA ILE A 72 8.74 -9.55 5.79
C ILE A 72 9.87 -8.68 5.17
N LEU A 73 9.69 -8.32 3.94
CA LEU A 73 10.56 -7.39 3.23
C LEU A 73 9.88 -6.04 3.11
N GLY A 74 10.50 -4.98 3.63
CA GLY A 74 10.01 -3.66 3.47
C GLY A 74 10.42 -3.17 2.12
N LEU A 75 9.52 -2.48 1.42
CA LEU A 75 9.83 -1.95 0.09
C LEU A 75 9.68 -0.46 0.08
N ILE A 76 10.76 0.25 0.30
CA ILE A 76 10.73 1.71 0.31
C ILE A 76 10.92 2.28 -1.09
N PHE A 77 9.97 3.06 -1.56
CA PHE A 77 10.06 3.70 -2.87
C PHE A 77 9.91 5.22 -2.80
N ASP A 78 10.91 5.91 -3.37
CA ASP A 78 10.89 7.37 -3.56
C ASP A 78 10.73 7.73 -5.04
N LYS A 79 10.67 6.72 -5.94
CA LYS A 79 10.57 6.90 -7.38
C LYS A 79 9.52 5.93 -7.90
N HIS A 80 8.98 6.25 -9.07
CA HIS A 80 8.02 5.35 -9.78
C HIS A 80 8.61 3.96 -9.98
N SER A 81 7.73 2.96 -10.06
CA SER A 81 8.14 1.62 -10.42
C SER A 81 6.94 0.75 -10.79
N THR A 82 7.07 -0.05 -11.84
CA THR A 82 6.17 -1.14 -12.06
C THR A 82 6.85 -2.50 -11.83
N ARG A 83 7.92 -2.81 -12.61
CA ARG A 83 8.58 -4.11 -12.49
C ARG A 83 9.17 -4.39 -11.10
N THR A 84 9.93 -3.45 -10.56
CA THR A 84 10.67 -3.71 -9.28
C THR A 84 9.67 -3.90 -8.13
N ARG A 85 8.70 -3.00 -8.05
CA ARG A 85 7.68 -3.06 -7.02
C ARG A 85 6.89 -4.35 -7.03
N VAL A 86 6.41 -4.76 -8.19
CA VAL A 86 5.54 -5.90 -8.28
C VAL A 86 6.38 -7.18 -8.14
N SER A 87 7.55 -7.25 -8.79
CA SER A 87 8.34 -8.48 -8.76
C SER A 87 8.87 -8.78 -7.38
N PHE A 88 9.28 -7.75 -6.64
CA PHE A 88 9.75 -8.00 -5.28
C PHE A 88 8.65 -8.53 -4.37
N GLU A 89 7.47 -7.91 -4.41
CA GLU A 89 6.43 -8.37 -3.53
C GLU A 89 5.90 -9.75 -3.95
N ALA A 90 5.71 -9.97 -5.25
CA ALA A 90 5.32 -11.30 -5.72
C ALA A 90 6.32 -12.40 -5.36
N GLY A 91 7.62 -12.08 -5.47
CA GLY A 91 8.65 -13.02 -5.10
C GLY A 91 8.54 -13.43 -3.65
N MET A 92 8.39 -12.46 -2.77
CA MET A 92 8.23 -12.73 -1.33
C MET A 92 7.04 -13.60 -1.06
N VAL A 93 5.89 -13.26 -1.69
CA VAL A 93 4.66 -14.02 -1.49
C VAL A 93 4.83 -15.48 -1.98
N GLN A 94 5.48 -15.67 -3.12
CA GLN A 94 5.71 -17.01 -3.69
C GLN A 94 6.61 -17.84 -2.83
N LEU A 95 7.45 -17.19 -2.04
CA LEU A 95 8.37 -17.84 -1.13
C LEU A 95 7.77 -18.02 0.27
N GLY A 96 6.49 -17.71 0.43
CA GLY A 96 5.81 -17.81 1.72
C GLY A 96 5.94 -16.63 2.68
N GLY A 97 6.58 -15.55 2.24
CA GLY A 97 6.75 -14.33 3.02
C GLY A 97 5.83 -13.23 2.59
N HIS A 98 6.27 -11.99 2.84
CA HIS A 98 5.43 -10.83 2.68
C HIS A 98 6.25 -9.67 2.18
N GLY A 99 5.66 -8.83 1.33
CA GLY A 99 6.28 -7.53 0.98
C GLY A 99 5.41 -6.44 1.55
N MET A 100 6.02 -5.43 2.13
CA MET A 100 5.28 -4.30 2.69
C MET A 100 5.71 -3.03 1.97
N PHE A 101 4.81 -2.49 1.14
CA PHE A 101 5.11 -1.29 0.37
C PHE A 101 5.08 -0.09 1.27
N LEU A 102 6.15 0.67 1.23
CA LEU A 102 6.34 1.89 2.05
C LEU A 102 6.64 3.05 1.09
N ASN A 103 5.64 3.86 0.81
CA ASN A 103 5.87 5.02 -0.07
C ASN A 103 6.68 5.96 0.76
N GLY A 104 7.76 6.47 0.18
CA GLY A 104 8.61 7.38 0.87
C GLY A 104 7.92 8.66 1.28
N LYS A 105 6.85 9.03 0.57
CA LYS A 105 6.07 10.25 0.92
C LYS A 105 5.30 10.09 2.25
N GLU A 106 5.16 8.86 2.71
CA GLU A 106 4.38 8.59 3.95
C GLU A 106 5.31 8.43 5.16
N MET A 107 6.59 8.16 4.91
CA MET A 107 7.53 7.87 6.05
C MET A 107 7.95 9.19 6.76
N GLN A 108 8.39 9.08 8.02
CA GLN A 108 8.77 10.26 8.76
C GLN A 108 10.10 10.86 8.22
N MET A 109 10.80 10.15 7.36
CA MET A 109 11.96 10.76 6.66
C MET A 109 11.56 12.03 5.92
N GLN A 110 10.32 12.07 5.42
CA GLN A 110 9.78 13.27 4.76
CA GLN A 110 9.78 13.26 4.73
C GLN A 110 9.73 14.48 5.65
N ARG A 111 9.62 14.27 6.95
CA ARG A 111 9.50 15.22 7.98
C ARG A 111 10.81 15.34 8.76
N GLY A 112 11.88 14.85 8.16
CA GLY A 112 13.22 15.10 8.67
C GLY A 112 13.82 14.03 9.56
N GLU A 113 13.14 12.88 9.71
CA GLU A 113 13.76 11.77 10.45
C GLU A 113 15.00 11.27 9.69
N THR A 114 16.09 11.01 10.42
CA THR A 114 17.32 10.56 9.76
C THR A 114 17.19 9.16 9.18
N VAL A 115 17.97 8.89 8.15
CA VAL A 115 18.11 7.56 7.62
C VAL A 115 18.58 6.56 8.69
N SER A 116 19.51 7.00 9.55
CA SER A 116 20.05 6.11 10.63
C SER A 116 18.93 5.69 11.60
N ASP A 117 18.14 6.65 12.06
CA ASP A 117 17.03 6.34 13.03
C ASP A 117 16.02 5.39 12.37
N THR A 118 15.75 5.63 11.08
CA THR A 118 14.84 4.77 10.31
C THR A 118 15.35 3.34 10.25
N ALA A 119 16.61 3.19 9.90
CA ALA A 119 17.25 1.88 9.84
C ALA A 119 17.11 1.15 11.17
N LYS A 120 17.41 1.85 12.24
CA LYS A 120 17.39 1.18 13.56
C LYS A 120 15.99 0.75 13.94
N VAL A 121 14.97 1.57 13.65
CA VAL A 121 13.62 1.12 14.08
C VAL A 121 13.12 -0.02 13.20
N LEU A 122 13.35 0.07 11.89
CA LEU A 122 12.82 -0.97 11.00
C LEU A 122 13.42 -2.33 11.29
N SER A 123 14.67 -2.33 11.78
CA SER A 123 15.31 -3.60 12.14
C SER A 123 14.59 -4.32 13.27
N HIS A 124 13.81 -3.62 14.11
CA HIS A 124 13.04 -4.26 15.16
C HIS A 124 11.76 -4.93 14.66
N TYR A 125 11.31 -4.58 13.46
CA TYR A 125 9.99 -4.97 12.99
C TYR A 125 9.99 -5.96 11.85
N ILE A 126 10.91 -5.78 10.91
CA ILE A 126 10.86 -6.55 9.65
C ILE A 126 12.22 -7.25 9.42
N ASP A 127 12.32 -8.01 8.34
CA ASP A 127 13.46 -8.88 8.08
C ASP A 127 14.47 -8.42 7.03
N GLY A 128 14.07 -7.50 6.16
CA GLY A 128 14.93 -6.92 5.15
C GLY A 128 14.30 -5.68 4.62
N ILE A 129 15.09 -4.93 3.87
CA ILE A 129 14.61 -3.70 3.21
C ILE A 129 15.08 -3.67 1.77
N MET A 130 14.20 -3.41 0.83
CA MET A 130 14.60 -3.03 -0.51
C MET A 130 14.26 -1.56 -0.61
N ILE A 131 15.18 -0.76 -1.15
CA ILE A 131 14.93 0.66 -1.29
C ILE A 131 15.28 1.14 -2.72
N ARG A 132 14.41 1.97 -3.26
CA ARG A 132 14.63 2.64 -4.50
C ARG A 132 14.55 4.14 -4.17
N THR A 133 15.61 4.86 -4.51
CA THR A 133 15.66 6.30 -4.17
C THR A 133 16.61 7.08 -5.11
N PHE A 134 16.90 8.32 -4.75
CA PHE A 134 17.78 9.16 -5.54
C PHE A 134 19.23 8.93 -5.13
N SER A 135 19.55 9.29 -3.90
CA SER A 135 20.94 9.33 -3.43
C SER A 135 21.46 7.95 -3.10
N HIS A 136 22.49 7.55 -3.81
CA HIS A 136 23.14 6.31 -3.50
C HIS A 136 23.74 6.29 -2.09
N ALA A 137 24.31 7.46 -1.68
CA ALA A 137 24.80 7.59 -0.29
C ALA A 137 23.77 7.26 0.77
N ASP A 138 22.50 7.60 0.54
CA ASP A 138 21.44 7.29 1.49
C ASP A 138 21.25 5.78 1.65
N VAL A 139 21.34 5.04 0.54
CA VAL A 139 21.21 3.59 0.57
C VAL A 139 22.42 2.97 1.27
N GLU A 140 23.62 3.53 1.05
CA GLU A 140 24.81 3.09 1.80
C GLU A 140 24.63 3.28 3.32
N GLU A 141 24.11 4.44 3.71
CA GLU A 141 23.89 4.73 5.13
C GLU A 141 22.82 3.78 5.72
N LEU A 142 21.75 3.56 4.98
CA LEU A 142 20.70 2.66 5.41
C LEU A 142 21.31 1.29 5.69
N ALA A 143 22.12 0.79 4.75
CA ALA A 143 22.72 -0.53 4.93
C ALA A 143 23.64 -0.54 6.17
N LYS A 144 24.43 0.49 6.33
CA LYS A 144 25.41 0.55 7.40
C LYS A 144 24.70 0.52 8.76
N GLU A 145 23.59 1.24 8.87
CA GLU A 145 22.89 1.39 10.15
C GLU A 145 21.80 0.34 10.44
N SER A 146 21.52 -0.50 9.46
CA SER A 146 20.56 -1.58 9.58
CA SER A 146 20.56 -1.58 9.58
C SER A 146 21.23 -2.88 10.00
N SER A 147 20.60 -3.62 10.90
CA SER A 147 21.06 -4.99 11.23
C SER A 147 20.46 -6.07 10.30
N ILE A 148 19.53 -5.66 9.45
CA ILE A 148 18.91 -6.54 8.46
C ILE A 148 19.43 -6.24 7.06
N PRO A 149 19.27 -7.20 6.13
CA PRO A 149 19.73 -6.97 4.77
C PRO A 149 19.09 -5.81 4.06
N VAL A 150 19.87 -5.07 3.30
CA VAL A 150 19.39 -3.97 2.47
C VAL A 150 19.75 -4.23 1.02
N ILE A 151 18.75 -4.09 0.18
CA ILE A 151 18.88 -4.27 -1.28
C ILE A 151 18.54 -2.99 -2.00
N ASN A 152 19.47 -2.58 -2.88
CA ASN A 152 19.24 -1.41 -3.73
C ASN A 152 18.34 -1.82 -4.92
N GLY A 153 17.13 -1.29 -4.93
CA GLY A 153 16.15 -1.47 -6.02
C GLY A 153 16.15 -0.39 -7.12
N LEU A 154 17.22 0.44 -7.10
CA LEU A 154 17.59 1.47 -8.02
C LEU A 154 17.92 2.78 -7.26
N THR A 155 19.08 3.33 -7.57
CA THR A 155 19.48 4.67 -7.18
C THR A 155 19.91 5.45 -8.43
N ASP A 156 20.24 6.71 -8.26
CA ASP A 156 20.67 7.56 -9.35
C ASP A 156 21.92 6.92 -9.99
N ASP A 157 22.68 6.17 -9.21
CA ASP A 157 23.94 5.63 -9.69
C ASP A 157 24.02 4.15 -10.03
N HIS A 158 23.17 3.32 -9.43
CA HIS A 158 23.25 1.87 -9.63
C HIS A 158 21.85 1.21 -9.64
N HIS A 159 21.72 0.20 -10.50
CA HIS A 159 20.51 -0.68 -10.56
C HIS A 159 20.94 -2.16 -10.64
N PRO A 160 21.46 -2.67 -9.53
CA PRO A 160 22.14 -3.97 -9.60
C PRO A 160 21.23 -5.18 -9.84
N CYS A 161 20.00 -5.14 -9.31
CA CYS A 161 19.06 -6.24 -9.51
C CYS A 161 18.65 -6.38 -10.96
N GLN A 162 18.59 -5.25 -11.65
CA GLN A 162 18.34 -5.32 -13.07
C GLN A 162 19.47 -6.05 -13.80
N ALA A 163 20.73 -5.64 -13.55
CA ALA A 163 21.89 -6.27 -14.22
C ALA A 163 22.04 -7.74 -13.87
N LEU A 164 21.69 -8.12 -12.64
CA LEU A 164 21.70 -9.54 -12.28
C LEU A 164 20.73 -10.38 -13.08
N ALA A 165 19.50 -9.90 -13.24
CA ALA A 165 18.53 -10.52 -14.09
C ALA A 165 18.96 -10.53 -15.53
N ASP A 166 19.58 -9.46 -15.98
CA ASP A 166 20.07 -9.39 -17.37
C ASP A 166 21.16 -10.46 -17.63
N LEU A 167 22.07 -10.65 -16.66
CA LEU A 167 23.04 -11.75 -16.77
C LEU A 167 22.37 -13.08 -16.86
N MET A 168 21.32 -13.28 -16.07
CA MET A 168 20.56 -14.53 -16.17
C MET A 168 19.98 -14.72 -17.57
N THR A 169 19.33 -13.67 -18.07
CA THR A 169 18.73 -13.70 -19.43
C THR A 169 19.76 -14.03 -20.47
N ILE A 170 20.95 -13.40 -20.40
CA ILE A 170 22.03 -13.69 -21.37
C ILE A 170 22.46 -15.14 -21.24
N TYR A 171 22.68 -15.59 -20.01
CA TYR A 171 23.12 -16.98 -19.73
C TYR A 171 22.13 -18.06 -20.21
N GLU A 172 20.85 -17.79 -20.07
CA GLU A 172 19.84 -18.72 -20.60
C GLU A 172 19.99 -18.93 -22.11
N GLU A 173 20.38 -17.89 -22.84
CA GLU A 173 20.60 -18.00 -24.29
C GLU A 173 21.92 -18.68 -24.60
N THR A 174 23.00 -18.22 -23.96
CA THR A 174 24.35 -18.57 -24.37
C THR A 174 24.97 -19.76 -23.64
N ASN A 175 24.51 -20.00 -22.41
CA ASN A 175 25.14 -20.93 -21.49
C ASN A 175 26.58 -20.66 -21.09
N THR A 176 27.04 -19.42 -21.28
CA THR A 176 28.40 -19.04 -20.98
C THR A 176 28.53 -17.54 -21.12
N PHE A 177 29.55 -16.99 -20.47
CA PHE A 177 29.88 -15.58 -20.65
C PHE A 177 31.17 -15.39 -21.44
N LYS A 178 31.88 -16.49 -21.67
CA LYS A 178 33.14 -16.46 -22.35
C LYS A 178 32.91 -16.27 -23.84
N GLY A 179 33.50 -15.21 -24.38
CA GLY A 179 33.44 -14.88 -25.79
C GLY A 179 32.16 -14.17 -26.21
N ILE A 180 31.35 -13.73 -25.23
CA ILE A 180 30.07 -13.04 -25.51
C ILE A 180 30.31 -11.54 -25.47
N LYS A 181 29.71 -10.84 -26.42
CA LYS A 181 29.84 -9.40 -26.52
C LYS A 181 28.48 -8.72 -26.31
N LEU A 182 28.45 -7.83 -25.32
CA LEU A 182 27.30 -7.00 -25.02
C LEU A 182 27.63 -5.59 -25.39
N ALA A 183 26.77 -4.93 -26.14
CA ALA A 183 26.93 -3.52 -26.48
C ALA A 183 25.80 -2.72 -25.91
N TYR A 184 26.12 -1.74 -25.07
CA TYR A 184 25.14 -0.78 -24.56
C TYR A 184 25.33 0.54 -25.29
N VAL A 185 24.22 1.06 -25.80
CA VAL A 185 24.19 2.28 -26.59
C VAL A 185 23.13 3.18 -26.00
N GLY A 186 23.52 4.37 -25.55
CA GLY A 186 22.59 5.23 -24.83
C GLY A 186 23.29 6.14 -23.85
N ASP A 187 22.57 6.49 -22.80
CA ASP A 187 23.03 7.41 -21.79
C ASP A 187 23.88 6.64 -20.76
N GLY A 188 24.97 7.25 -20.33
CA GLY A 188 25.82 6.65 -19.30
C GLY A 188 25.23 6.78 -17.91
N ASN A 189 24.23 5.94 -17.61
CA ASN A 189 23.40 6.12 -16.45
C ASN A 189 23.53 4.94 -15.45
N ASN A 190 22.63 4.89 -14.48
CA ASN A 190 22.61 3.80 -13.49
C ASN A 190 22.63 2.37 -14.04
N VAL A 191 21.80 2.12 -15.06
CA VAL A 191 21.73 0.81 -15.70
C VAL A 191 23.07 0.49 -16.40
N CYS A 192 23.60 1.46 -17.14
CA CYS A 192 24.91 1.30 -17.80
C CYS A 192 25.95 0.93 -16.76
N HIS A 193 25.96 1.66 -15.64
CA HIS A 193 26.90 1.38 -14.55
C HIS A 193 26.86 -0.02 -14.05
N SER A 194 25.61 -0.50 -13.71
CA SER A 194 25.44 -1.88 -13.26
C SER A 194 25.82 -2.97 -14.32
N LEU A 195 25.57 -2.69 -15.60
CA LEU A 195 25.96 -3.64 -16.64
C LEU A 195 27.44 -3.69 -16.78
N LEU A 196 28.09 -2.53 -16.64
CA LEU A 196 29.58 -2.51 -16.70
C LEU A 196 30.18 -3.38 -15.58
N LEU A 197 29.71 -3.19 -14.38
CA LEU A 197 30.19 -4.02 -13.26
C LEU A 197 29.82 -5.50 -13.40
N ALA A 198 28.61 -5.79 -13.85
CA ALA A 198 28.15 -7.18 -14.04
C ALA A 198 28.98 -7.87 -15.07
N SER A 199 29.20 -7.19 -16.20
CA SER A 199 29.97 -7.79 -17.32
C SER A 199 31.39 -8.07 -16.89
N ALA A 200 32.00 -7.10 -16.19
CA ALA A 200 33.38 -7.24 -15.73
C ALA A 200 33.47 -8.43 -14.76
N LYS A 201 32.48 -8.56 -13.86
CA LYS A 201 32.52 -9.67 -12.89
C LYS A 201 32.54 -11.06 -13.53
N VAL A 202 31.77 -11.25 -14.60
CA VAL A 202 31.60 -12.58 -15.19
C VAL A 202 32.49 -12.82 -16.38
N GLY A 203 33.30 -11.83 -16.73
CA GLY A 203 34.28 -11.99 -17.82
C GLY A 203 33.71 -11.77 -19.21
N MET A 204 32.53 -11.11 -19.31
CA MET A 204 31.86 -10.82 -20.60
C MET A 204 32.40 -9.53 -21.21
N HIS A 205 32.59 -9.53 -22.54
CA HIS A 205 33.06 -8.35 -23.24
CA HIS A 205 33.06 -8.35 -23.29
C HIS A 205 31.91 -7.36 -23.33
N MET A 206 32.16 -6.10 -22.98
CA MET A 206 31.15 -5.05 -23.05
C MET A 206 31.70 -3.79 -23.67
N THR A 207 30.95 -3.23 -24.62
CA THR A 207 31.24 -1.89 -25.14
C THR A 207 30.09 -0.93 -24.79
N VAL A 208 30.44 0.33 -24.61
CA VAL A 208 29.47 1.40 -24.35
C VAL A 208 29.66 2.46 -25.42
N ALA A 209 28.57 2.93 -26.03
CA ALA A 209 28.60 4.16 -26.80
C ALA A 209 27.62 5.16 -26.25
N THR A 210 28.10 6.34 -25.90
CA THR A 210 27.25 7.43 -25.47
C THR A 210 27.60 8.68 -26.28
N PRO A 211 26.69 9.67 -26.26
CA PRO A 211 27.08 10.98 -26.78
C PRO A 211 28.17 11.65 -25.93
N VAL A 212 28.87 12.60 -26.54
CA VAL A 212 29.78 13.41 -25.79
C VAL A 212 29.00 14.16 -24.71
N GLY A 213 29.56 14.17 -23.51
CA GLY A 213 28.92 14.81 -22.36
C GLY A 213 28.06 13.90 -21.50
N TYR A 214 27.84 12.66 -21.95
CA TYR A 214 26.95 11.71 -21.26
C TYR A 214 27.63 10.33 -21.00
N ARG A 215 28.96 10.35 -20.82
CA ARG A 215 29.72 9.12 -20.56
C ARG A 215 29.29 8.56 -19.17
N PRO A 216 29.48 7.25 -18.98
CA PRO A 216 29.30 6.70 -17.66
C PRO A 216 30.30 7.34 -16.71
N ASN A 217 29.95 7.35 -15.41
CA ASN A 217 30.80 7.92 -14.37
C ASN A 217 32.21 7.34 -14.43
N GLU A 218 33.22 8.20 -14.39
CA GLU A 218 34.58 7.71 -14.61
C GLU A 218 35.08 6.83 -13.45
N GLU A 219 34.62 7.08 -12.24
CA GLU A 219 35.04 6.23 -11.14
C GLU A 219 34.49 4.83 -11.30
N ILE A 220 33.23 4.73 -11.74
CA ILE A 220 32.63 3.40 -11.96
C ILE A 220 33.30 2.66 -13.14
N VAL A 221 33.63 3.41 -14.19
CA VAL A 221 34.42 2.84 -15.31
C VAL A 221 35.72 2.29 -14.76
N LYS A 222 36.44 3.09 -13.95
CA LYS A 222 37.69 2.58 -13.39
C LYS A 222 37.55 1.28 -12.56
N LYS A 223 36.50 1.22 -11.76
CA LYS A 223 36.23 0.00 -10.96
C LYS A 223 35.96 -1.19 -11.86
N ALA A 224 35.16 -0.98 -12.90
CA ALA A 224 34.88 -2.09 -13.87
C ALA A 224 36.12 -2.58 -14.59
N LEU A 225 36.96 -1.63 -14.99
CA LEU A 225 38.21 -1.96 -15.69
C LEU A 225 39.14 -2.75 -14.79
N ALA A 226 39.22 -2.34 -13.52
CA ALA A 226 40.05 -3.06 -12.56
C ALA A 226 39.58 -4.50 -12.40
N ILE A 227 38.27 -4.69 -12.27
CA ILE A 227 37.68 -6.06 -12.14
C ILE A 227 37.99 -6.85 -13.40
N ALA A 228 37.83 -6.21 -14.56
CA ALA A 228 38.03 -6.89 -15.86
C ALA A 228 39.45 -7.40 -16.04
N LYS A 229 40.41 -6.70 -15.45
CA LYS A 229 41.84 -7.16 -15.51
C LYS A 229 41.99 -8.60 -14.97
N GLU A 230 41.24 -8.92 -13.92
CA GLU A 230 41.26 -10.26 -13.29
C GLU A 230 40.44 -11.31 -14.01
N THR A 231 39.36 -10.91 -14.68
CA THR A 231 38.43 -11.90 -15.24
C THR A 231 38.58 -12.15 -16.72
N GLY A 232 39.32 -11.31 -17.44
CA GLY A 232 39.43 -11.46 -18.89
C GLY A 232 38.45 -10.65 -19.69
N ALA A 233 37.56 -9.91 -19.01
CA ALA A 233 36.55 -9.11 -19.72
C ALA A 233 37.25 -7.97 -20.50
N GLU A 234 36.75 -7.65 -21.68
CA GLU A 234 37.23 -6.48 -22.42
C GLU A 234 36.12 -5.43 -22.29
N ILE A 235 36.42 -4.31 -21.62
CA ILE A 235 35.47 -3.21 -21.44
C ILE A 235 35.97 -2.01 -22.21
N GLU A 236 35.15 -1.45 -23.08
CA GLU A 236 35.55 -0.29 -23.86
C GLU A 236 34.46 0.77 -23.81
N ILE A 237 34.86 2.00 -23.53
CA ILE A 237 33.92 3.13 -23.53
C ILE A 237 34.20 3.99 -24.79
N LEU A 238 33.21 4.19 -25.62
CA LEU A 238 33.34 4.82 -26.93
C LEU A 238 32.27 5.91 -27.12
N HIS A 239 32.40 6.64 -28.24
CA HIS A 239 31.34 7.56 -28.67
C HIS A 239 30.63 7.08 -29.94
N ASN A 240 31.25 6.21 -30.74
CA ASN A 240 30.67 5.78 -32.02
C ASN A 240 29.79 4.53 -31.87
N PRO A 241 28.47 4.67 -32.06
CA PRO A 241 27.58 3.51 -31.81
C PRO A 241 27.75 2.36 -32.80
N GLU A 242 28.03 2.67 -34.07
CA GLU A 242 28.24 1.62 -35.05
C GLU A 242 29.44 0.77 -34.73
N LEU A 243 30.53 1.41 -34.31
CA LEU A 243 31.68 0.68 -33.83
C LEU A 243 31.36 -0.15 -32.58
N ALA A 244 30.63 0.43 -31.63
CA ALA A 244 30.30 -0.29 -30.39
C ALA A 244 29.53 -1.59 -30.61
N VAL A 245 28.57 -1.59 -31.54
CA VAL A 245 27.71 -2.76 -31.74
C VAL A 245 28.34 -3.77 -32.67
N ASN A 246 29.48 -3.45 -33.27
CA ASN A 246 30.10 -4.35 -34.26
C ASN A 246 30.24 -5.76 -33.67
N GLU A 247 29.65 -6.73 -34.36
CA GLU A 247 29.71 -8.14 -33.99
C GLU A 247 29.22 -8.44 -32.57
N ALA A 248 28.29 -7.61 -32.07
CA ALA A 248 27.71 -7.86 -30.78
C ALA A 248 26.71 -9.03 -30.79
N ASP A 249 26.66 -9.76 -29.67
CA ASP A 249 25.65 -10.79 -29.41
C ASP A 249 24.37 -10.20 -28.77
N PHE A 250 24.54 -9.11 -28.00
CA PHE A 250 23.42 -8.40 -27.40
C PHE A 250 23.59 -6.90 -27.57
N ILE A 251 22.48 -6.21 -27.89
CA ILE A 251 22.41 -4.77 -27.90
C ILE A 251 21.41 -4.34 -26.83
N TYR A 252 21.83 -3.39 -25.96
CA TYR A 252 21.04 -2.97 -24.84
C TYR A 252 20.86 -1.47 -24.93
N THR A 253 19.67 -0.96 -24.61
CA THR A 253 19.54 0.48 -24.40
C THR A 253 18.56 0.77 -23.25
N ASP A 254 18.33 2.05 -23.00
CA ASP A 254 17.49 2.52 -21.91
C ASP A 254 17.04 3.92 -22.31
N VAL A 255 16.10 4.46 -21.58
CA VAL A 255 15.61 5.82 -21.86
C VAL A 255 16.67 6.92 -21.79
N TRP A 256 16.40 8.01 -22.50
CA TRP A 256 17.29 9.14 -22.58
C TRP A 256 17.14 10.13 -21.42
N MET A 257 16.03 10.10 -20.68
CA MET A 257 15.86 10.93 -19.46
C MET A 257 15.41 10.05 -18.30
N SER A 258 16.33 9.79 -17.40
CA SER A 258 16.08 8.92 -16.28
C SER A 258 15.34 9.66 -15.17
N MET A 259 14.82 8.93 -14.19
CA MET A 259 14.03 9.55 -13.16
C MET A 259 14.77 10.61 -12.35
N GLY A 260 16.05 10.37 -12.09
CA GLY A 260 16.90 11.31 -11.36
C GLY A 260 17.34 12.58 -12.08
N GLN A 261 17.16 12.66 -13.39
CA GLN A 261 17.79 13.70 -14.22
C GLN A 261 16.97 14.94 -14.56
N GLU A 262 17.64 16.10 -14.58
CA GLU A 262 17.01 17.36 -15.03
C GLU A 262 17.07 17.46 -16.55
N GLY A 263 16.05 18.08 -17.12
CA GLY A 263 15.84 18.06 -18.55
C GLY A 263 16.79 19.05 -19.20
N GLU A 264 17.36 18.66 -20.35
CA GLU A 264 18.02 19.57 -21.28
C GLU A 264 17.28 19.32 -22.58
N GLU A 265 16.71 20.36 -23.22
CA GLU A 265 16.11 20.17 -24.53
C GLU A 265 17.20 19.71 -25.53
N GLU A 266 18.39 20.29 -25.44
CA GLU A 266 19.52 19.93 -26.30
C GLU A 266 19.94 18.45 -26.18
N LYS A 267 19.60 17.79 -25.07
CA LYS A 267 19.93 16.37 -24.88
C LYS A 267 19.26 15.48 -25.95
N TYR A 268 17.97 15.68 -26.17
CA TYR A 268 17.27 14.89 -27.18
C TYR A 268 17.93 14.98 -28.55
N THR A 269 18.37 16.16 -28.93
CA THR A 269 19.04 16.33 -30.23
C THR A 269 20.37 15.52 -30.29
N LEU A 270 21.17 15.59 -29.22
CA LEU A 270 22.47 14.89 -29.16
C LEU A 270 22.33 13.39 -29.19
N PHE A 271 21.19 12.90 -28.70
CA PHE A 271 20.99 11.48 -28.65
C PHE A 271 20.45 10.84 -29.94
N GLN A 272 19.94 11.62 -30.90
CA GLN A 272 19.33 11.06 -32.12
C GLN A 272 20.17 9.96 -32.80
N PRO A 273 21.50 10.19 -33.01
CA PRO A 273 22.36 9.16 -33.60
C PRO A 273 22.55 7.90 -32.79
N TYR A 274 22.01 7.89 -31.58
CA TYR A 274 22.15 6.75 -30.67
C TYR A 274 20.90 5.89 -30.58
N GLN A 275 19.85 6.22 -31.34
CA GLN A 275 18.67 5.36 -31.40
C GLN A 275 18.98 3.94 -31.90
N ILE A 276 18.37 2.93 -31.26
CA ILE A 276 18.51 1.55 -31.71
C ILE A 276 17.46 1.34 -32.78
N ASN A 277 17.93 1.19 -34.00
CA ASN A 277 17.09 1.02 -35.17
C ASN A 277 17.70 0.05 -36.16
N LYS A 278 16.95 -0.26 -37.22
CA LYS A 278 17.39 -1.23 -38.23
C LYS A 278 18.79 -0.94 -38.78
N GLU A 279 19.07 0.33 -39.04
CA GLU A 279 20.36 0.74 -39.60
C GLU A 279 21.50 0.46 -38.63
N LEU A 280 21.29 0.69 -37.34
CA LEU A 280 22.30 0.40 -36.36
C LEU A 280 22.52 -1.10 -36.15
N VAL A 281 21.46 -1.88 -36.01
CA VAL A 281 21.63 -3.27 -35.60
C VAL A 281 22.23 -4.15 -36.67
N LYS A 282 22.18 -3.72 -37.93
CA LYS A 282 22.76 -4.53 -38.99
C LYS A 282 24.29 -4.69 -38.82
N HIS A 283 24.90 -3.83 -38.01
CA HIS A 283 26.36 -3.93 -37.72
C HIS A 283 26.69 -5.00 -36.67
N ALA A 284 25.70 -5.42 -35.90
CA ALA A 284 25.85 -6.52 -34.94
C ALA A 284 25.76 -7.87 -35.62
N LYS A 285 25.91 -8.95 -34.86
CA LYS A 285 25.70 -10.28 -35.40
C LYS A 285 24.29 -10.42 -35.90
N GLN A 286 24.10 -11.23 -36.95
CA GLN A 286 22.74 -11.49 -37.43
C GLN A 286 21.87 -12.16 -36.36
N THR A 287 22.53 -12.89 -35.46
CA THR A 287 21.89 -13.65 -34.38
C THR A 287 21.76 -12.87 -33.06
N TYR A 288 22.03 -11.56 -33.10
CA TYR A 288 22.00 -10.74 -31.89
C TYR A 288 20.60 -10.73 -31.28
N HIS A 289 20.53 -10.42 -29.99
CA HIS A 289 19.23 -10.17 -29.29
C HIS A 289 19.21 -8.82 -28.63
N PHE A 290 18.02 -8.22 -28.58
CA PHE A 290 17.80 -6.85 -28.06
C PHE A 290 17.27 -6.93 -26.63
N LEU A 291 17.91 -6.13 -25.78
CA LEU A 291 17.60 -5.96 -24.39
C LEU A 291 17.30 -4.51 -24.07
N HIS A 292 16.40 -4.32 -23.10
CA HIS A 292 16.00 -2.98 -22.61
C HIS A 292 15.44 -3.22 -21.19
N CYS A 293 15.89 -2.44 -20.20
CA CYS A 293 15.39 -2.67 -18.84
C CYS A 293 13.89 -2.39 -18.66
N LEU A 294 13.34 -1.50 -19.49
CA LEU A 294 11.99 -0.98 -19.42
C LEU A 294 11.83 -0.07 -18.21
N PRO A 295 10.92 0.91 -18.28
CA PRO A 295 10.03 1.18 -19.37
C PRO A 295 10.74 1.79 -20.59
N ALA A 296 10.15 1.59 -21.75
CA ALA A 296 10.69 2.04 -23.04
C ALA A 296 9.81 3.09 -23.68
N HIS A 297 10.42 3.93 -24.51
CA HIS A 297 9.69 4.95 -25.26
C HIS A 297 9.97 4.67 -26.75
N ARG A 298 9.05 4.00 -27.40
CA ARG A 298 9.24 3.68 -28.79
C ARG A 298 9.39 4.97 -29.60
N GLU A 299 10.30 4.91 -30.59
CA GLU A 299 10.67 6.03 -31.49
C GLU A 299 11.58 7.08 -30.82
N GLU A 300 12.01 6.85 -29.57
CA GLU A 300 13.10 7.62 -28.99
C GLU A 300 14.31 6.73 -29.01
N GLU A 301 14.60 6.10 -27.87
CA GLU A 301 15.81 5.29 -27.78
C GLU A 301 15.80 4.03 -28.61
N VAL A 302 14.61 3.54 -28.98
CA VAL A 302 14.48 2.34 -29.80
C VAL A 302 13.22 2.47 -30.65
N THR A 303 13.27 1.93 -31.87
CA THR A 303 12.08 1.92 -32.74
C THR A 303 11.20 0.74 -32.40
N GLY A 304 9.90 0.90 -32.67
CA GLY A 304 8.94 -0.21 -32.49
C GLY A 304 9.40 -1.44 -33.23
N GLU A 305 9.92 -1.23 -34.43
CA GLU A 305 10.38 -2.32 -35.28
C GLU A 305 11.39 -3.22 -34.56
N ILE A 306 12.26 -2.65 -33.77
CA ILE A 306 13.28 -3.43 -33.02
C ILE A 306 12.69 -4.07 -31.74
N ILE A 307 12.05 -3.28 -30.90
CA ILE A 307 11.62 -3.79 -29.59
C ILE A 307 10.49 -4.80 -29.71
N ASP A 308 9.67 -4.64 -30.73
CA ASP A 308 8.58 -5.55 -31.03
C ASP A 308 8.93 -6.61 -32.09
N GLY A 309 10.19 -6.62 -32.54
CA GLY A 309 10.63 -7.51 -33.59
C GLY A 309 11.19 -8.85 -33.09
N PRO A 310 11.62 -9.70 -34.03
CA PRO A 310 11.93 -11.08 -33.67
C PRO A 310 13.17 -11.28 -32.83
N GLN A 311 14.08 -10.27 -32.74
CA GLN A 311 15.31 -10.39 -31.96
C GLN A 311 15.17 -9.83 -30.56
N SER A 312 14.01 -9.28 -30.24
CA SER A 312 13.76 -8.69 -28.91
C SER A 312 13.43 -9.77 -27.89
N ILE A 313 14.05 -9.68 -26.70
CA ILE A 313 13.77 -10.55 -25.57
C ILE A 313 13.41 -9.77 -24.31
N VAL A 314 12.89 -8.55 -24.49
CA VAL A 314 12.70 -7.65 -23.34
C VAL A 314 11.68 -8.16 -22.32
N PHE A 315 10.68 -8.96 -22.76
CA PHE A 315 9.69 -9.44 -21.82
C PHE A 315 10.13 -10.60 -21.03
N GLU A 316 10.86 -11.50 -21.66
CA GLU A 316 11.51 -12.51 -20.84
C GLU A 316 12.56 -11.97 -19.91
N GLN A 317 13.28 -10.94 -20.36
CA GLN A 317 14.22 -10.22 -19.52
C GLN A 317 13.52 -9.65 -18.25
N ALA A 318 12.39 -9.01 -18.45
CA ALA A 318 11.62 -8.50 -17.35
C ALA A 318 11.10 -9.61 -16.44
N GLY A 319 10.67 -10.71 -17.02
CA GLY A 319 10.21 -11.84 -16.22
C GLY A 319 11.26 -12.35 -15.26
N ASN A 320 12.53 -12.32 -15.71
CA ASN A 320 13.65 -12.83 -14.92
C ASN A 320 14.03 -11.95 -13.77
N ARG A 321 13.49 -10.72 -13.71
CA ARG A 321 13.61 -9.95 -12.46
C ARG A 321 13.06 -10.77 -11.29
N LEU A 322 11.92 -11.40 -11.49
CA LEU A 322 11.31 -12.18 -10.46
C LEU A 322 12.23 -13.29 -9.91
N HIS A 323 12.76 -14.12 -10.80
CA HIS A 323 13.57 -15.27 -10.42
C HIS A 323 14.90 -14.93 -9.84
N ALA A 324 15.60 -14.00 -10.48
CA ALA A 324 16.90 -13.57 -10.05
C ALA A 324 16.78 -12.97 -8.64
N GLN A 325 15.72 -12.16 -8.39
CA GLN A 325 15.56 -11.55 -7.07
C GLN A 325 15.15 -12.56 -6.00
N LYS A 326 14.40 -13.58 -6.37
CA LYS A 326 14.03 -14.61 -5.43
C LYS A 326 15.31 -15.34 -4.98
N ALA A 327 16.22 -15.58 -5.90
CA ALA A 327 17.50 -16.24 -5.54
C ALA A 327 18.30 -15.37 -4.57
N LEU A 328 18.39 -14.07 -4.88
CA LEU A 328 19.08 -13.11 -4.04
C LEU A 328 18.45 -13.06 -2.68
N LEU A 329 17.13 -12.98 -2.62
CA LEU A 329 16.43 -12.89 -1.32
C LEU A 329 16.63 -14.07 -0.47
N VAL A 330 16.52 -15.25 -1.06
CA VAL A 330 16.72 -16.49 -0.29
C VAL A 330 18.15 -16.56 0.25
N SER A 331 19.13 -16.19 -0.56
CA SER A 331 20.51 -16.20 -0.10
C SER A 331 20.78 -15.16 1.00
N LEU A 332 20.25 -13.97 0.85
CA LEU A 332 20.54 -12.91 1.84
C LEU A 332 19.80 -13.15 3.15
N PHE A 333 18.60 -13.71 3.09
CA PHE A 333 17.84 -13.95 4.29
CA PHE A 333 17.84 -13.98 4.29
C PHE A 333 18.37 -15.18 5.05
N LYS A 334 19.07 -16.08 4.35
CA LYS A 334 19.74 -17.24 4.98
C LYS A 334 20.93 -16.86 5.87
N ASN A 335 21.62 -15.76 5.56
CA ASN A 335 22.74 -15.30 6.47
C ASN A 335 22.48 -15.17 8.00
N GLN B 29 -20.58 -26.53 -6.95
CA GLN B 29 -20.01 -26.39 -8.31
C GLN B 29 -19.60 -24.95 -8.48
N VAL B 30 -18.34 -24.70 -8.79
CA VAL B 30 -17.91 -23.36 -9.20
C VAL B 30 -18.52 -23.06 -10.57
N PRO B 31 -19.12 -21.86 -10.77
CA PRO B 31 -19.66 -21.52 -12.09
C PRO B 31 -18.58 -21.51 -13.15
N LYS B 32 -18.89 -22.12 -14.30
CA LYS B 32 -18.02 -22.05 -15.48
C LYS B 32 -18.40 -20.80 -16.24
N LEU B 33 -17.44 -19.98 -16.63
CA LEU B 33 -17.70 -18.79 -17.44
C LEU B 33 -16.94 -18.88 -18.77
N ASN B 34 -17.56 -18.47 -19.87
CA ASN B 34 -16.85 -18.40 -21.13
C ASN B 34 -16.16 -17.05 -21.38
N THR B 35 -15.56 -16.49 -20.36
CA THR B 35 -14.83 -15.22 -20.54
C THR B 35 -13.63 -15.28 -19.64
N LYS B 36 -12.50 -14.70 -20.10
CA LYS B 36 -11.26 -14.49 -19.33
C LYS B 36 -11.41 -13.30 -18.39
N ASP B 37 -12.19 -12.29 -18.82
CA ASP B 37 -12.22 -10.97 -18.22
C ASP B 37 -13.60 -10.54 -17.85
N LEU B 38 -13.73 -9.52 -17.02
CA LEU B 38 -15.09 -8.95 -16.79
C LEU B 38 -14.96 -7.44 -16.86
N LEU B 39 -15.33 -6.92 -18.02
CA LEU B 39 -15.28 -5.47 -18.29
C LEU B 39 -16.63 -4.78 -18.28
N THR B 40 -17.69 -5.41 -18.81
CA THR B 40 -19.03 -4.79 -18.82
C THR B 40 -20.30 -5.57 -18.39
N LEU B 41 -20.21 -6.86 -18.23
CA LEU B 41 -21.38 -7.75 -18.03
C LEU B 41 -21.94 -8.28 -19.33
N GLU B 42 -21.58 -7.67 -20.45
CA GLU B 42 -21.98 -8.17 -21.75
C GLU B 42 -21.39 -9.53 -21.98
N GLU B 43 -20.27 -9.79 -21.34
CA GLU B 43 -19.48 -11.01 -21.53
C GLU B 43 -20.13 -12.21 -20.92
N LEU B 44 -21.19 -12.00 -20.13
CA LEU B 44 -21.82 -13.06 -19.38
C LEU B 44 -23.21 -13.34 -19.96
N THR B 45 -23.60 -14.61 -19.95
CA THR B 45 -24.98 -14.99 -20.27
C THR B 45 -25.88 -14.83 -19.03
N GLN B 46 -27.18 -14.86 -19.26
CA GLN B 46 -28.13 -14.83 -18.17
C GLN B 46 -27.88 -15.97 -17.18
N GLU B 47 -27.66 -17.17 -17.70
CA GLU B 47 -27.43 -18.33 -16.88
C GLU B 47 -26.16 -18.18 -16.03
N GLU B 48 -25.11 -17.59 -16.60
CA GLU B 48 -23.86 -17.38 -15.88
C GLU B 48 -24.07 -16.40 -14.71
N ILE B 49 -24.81 -15.32 -14.98
CA ILE B 49 -25.08 -14.28 -13.97
C ILE B 49 -25.86 -14.90 -12.82
N ILE B 50 -26.92 -15.62 -13.13
CA ILE B 50 -27.67 -16.31 -12.08
C ILE B 50 -26.80 -17.30 -11.27
N SER B 51 -25.95 -18.05 -11.98
CA SER B 51 -25.06 -19.01 -11.32
C SER B 51 -24.09 -18.31 -10.37
N LEU B 52 -23.56 -17.18 -10.82
CA LEU B 52 -22.69 -16.32 -9.96
C LEU B 52 -23.40 -15.84 -8.70
N ILE B 53 -24.62 -15.36 -8.84
CA ILE B 53 -25.39 -14.89 -7.69
C ILE B 53 -25.64 -16.01 -6.69
N GLU B 54 -26.05 -17.18 -7.19
CA GLU B 54 -26.28 -18.35 -6.32
C GLU B 54 -25.00 -18.73 -5.57
N PHE B 55 -23.87 -18.74 -6.29
CA PHE B 55 -22.57 -19.08 -5.71
C PHE B 55 -22.19 -18.04 -4.65
N ALA B 56 -22.42 -16.76 -4.94
CA ALA B 56 -22.14 -15.68 -3.94
C ALA B 56 -22.91 -15.83 -2.64
N ILE B 57 -24.18 -16.21 -2.79
CA ILE B 57 -25.06 -16.50 -1.65
C ILE B 57 -24.51 -17.67 -0.85
N TYR B 58 -24.06 -18.72 -1.54
CA TYR B 58 -23.43 -19.85 -0.87
C TYR B 58 -22.18 -19.43 -0.11
N LEU B 59 -21.32 -18.61 -0.75
CA LEU B 59 -20.10 -18.18 -0.09
C LEU B 59 -20.40 -17.29 1.11
N LYS B 60 -21.48 -16.53 1.04
CA LYS B 60 -21.85 -15.64 2.12
C LYS B 60 -22.22 -16.44 3.38
N LYS B 61 -22.84 -17.58 3.16
CA LYS B 61 -23.44 -18.39 4.27
C LYS B 61 -22.48 -19.38 4.85
N ASN B 62 -21.44 -19.73 4.12
CA ASN B 62 -20.64 -20.91 4.46
C ASN B 62 -19.21 -20.56 4.82
N LYS B 63 -18.58 -21.46 5.59
CA LYS B 63 -17.26 -21.21 6.19
C LYS B 63 -16.25 -20.94 5.07
N GLN B 64 -15.30 -20.05 5.35
CA GLN B 64 -14.26 -19.71 4.37
CA GLN B 64 -14.25 -19.70 4.36
C GLN B 64 -13.33 -20.90 4.07
N GLU B 65 -13.11 -21.19 2.79
CA GLU B 65 -12.13 -22.19 2.39
C GLU B 65 -11.15 -21.54 1.40
N PRO B 66 -9.89 -22.03 1.37
CA PRO B 66 -8.80 -21.32 0.64
C PRO B 66 -8.77 -21.70 -0.84
N LEU B 67 -9.84 -21.34 -1.51
CA LEU B 67 -10.01 -21.70 -2.91
C LEU B 67 -8.97 -21.09 -3.84
N LEU B 68 -8.37 -19.96 -3.43
CA LEU B 68 -7.42 -19.20 -4.27
C LEU B 68 -6.06 -19.18 -3.61
N GLN B 69 -5.69 -20.29 -2.97
CA GLN B 69 -4.46 -20.37 -2.24
C GLN B 69 -3.28 -19.95 -3.10
N GLY B 70 -2.53 -18.97 -2.61
CA GLY B 70 -1.30 -18.56 -3.26
C GLY B 70 -1.49 -17.54 -4.38
N LYS B 71 -2.71 -17.35 -4.86
CA LYS B 71 -2.97 -16.46 -6.01
C LYS B 71 -2.82 -14.98 -5.60
N ILE B 72 -2.31 -14.13 -6.54
CA ILE B 72 -2.09 -12.73 -6.26
C ILE B 72 -2.89 -11.91 -7.28
N LEU B 73 -3.77 -11.06 -6.80
CA LEU B 73 -4.55 -10.14 -7.59
C LEU B 73 -3.93 -8.71 -7.45
N GLY B 74 -3.50 -8.11 -8.58
CA GLY B 74 -3.06 -6.71 -8.58
C GLY B 74 -4.26 -5.83 -8.58
N LEU B 75 -4.20 -4.75 -7.81
CA LEU B 75 -5.30 -3.85 -7.69
C LEU B 75 -4.89 -2.45 -8.09
N ILE B 76 -5.03 -2.14 -9.37
CA ILE B 76 -4.55 -0.87 -9.89
C ILE B 76 -5.63 0.19 -9.74
N PHE B 77 -5.33 1.28 -9.04
CA PHE B 77 -6.29 2.37 -8.82
C PHE B 77 -5.77 3.74 -9.23
N ASP B 78 -6.48 4.40 -10.14
CA ASP B 78 -6.25 5.76 -10.56
C ASP B 78 -7.27 6.74 -9.99
N LYS B 79 -8.27 6.22 -9.27
CA LYS B 79 -9.30 6.99 -8.65
C LYS B 79 -9.44 6.51 -7.16
N HIS B 80 -10.07 7.36 -6.37
CA HIS B 80 -10.41 7.09 -4.97
C HIS B 80 -11.27 5.86 -4.88
N SER B 81 -11.20 5.19 -3.73
CA SER B 81 -12.06 4.04 -3.46
C SER B 81 -11.99 3.63 -1.98
N THR B 82 -13.11 3.32 -1.39
CA THR B 82 -13.19 2.60 -0.13
C THR B 82 -13.72 1.18 -0.34
N ARG B 83 -14.95 1.03 -0.87
CA ARG B 83 -15.56 -0.31 -0.97
C ARG B 83 -14.80 -1.25 -1.90
N THR B 84 -14.47 -0.79 -3.08
CA THR B 84 -13.88 -1.63 -4.11
C THR B 84 -12.47 -2.09 -3.71
N ARG B 85 -11.71 -1.14 -3.20
CA ARG B 85 -10.35 -1.43 -2.71
C ARG B 85 -10.30 -2.40 -1.57
N VAL B 86 -11.17 -2.20 -0.57
CA VAL B 86 -11.10 -3.04 0.63
C VAL B 86 -11.74 -4.39 0.32
N SER B 87 -12.88 -4.38 -0.35
CA SER B 87 -13.61 -5.65 -0.60
C SER B 87 -12.80 -6.61 -1.47
N PHE B 88 -12.11 -6.11 -2.48
CA PHE B 88 -11.35 -7.03 -3.35
C PHE B 88 -10.14 -7.61 -2.63
N GLU B 89 -9.45 -6.83 -1.82
CA GLU B 89 -8.32 -7.39 -1.09
C GLU B 89 -8.77 -8.35 0.02
N ALA B 90 -9.83 -7.97 0.75
CA ALA B 90 -10.34 -8.85 1.80
C ALA B 90 -10.81 -10.15 1.19
N GLY B 91 -11.50 -10.08 0.05
CA GLY B 91 -11.99 -11.30 -0.65
C GLY B 91 -10.87 -12.24 -1.02
N MET B 92 -9.78 -11.69 -1.58
CA MET B 92 -8.64 -12.52 -1.91
C MET B 92 -8.04 -13.18 -0.65
N VAL B 93 -7.83 -12.37 0.38
CA VAL B 93 -7.26 -12.89 1.64
C VAL B 93 -8.13 -13.97 2.24
N GLN B 94 -9.45 -13.76 2.22
CA GLN B 94 -10.37 -14.74 2.80
C GLN B 94 -10.38 -16.06 2.01
N LEU B 95 -10.00 -15.98 0.77
CA LEU B 95 -9.87 -17.20 -0.15
C LEU B 95 -8.45 -17.81 -0.14
N GLY B 96 -7.57 -17.32 0.74
CA GLY B 96 -6.19 -17.82 0.85
C GLY B 96 -5.18 -17.22 -0.13
N GLY B 97 -5.59 -16.17 -0.86
CA GLY B 97 -4.72 -15.47 -1.79
C GLY B 97 -4.36 -14.10 -1.24
N HIS B 98 -3.99 -13.20 -2.14
CA HIS B 98 -3.40 -11.93 -1.76
C HIS B 98 -3.87 -10.84 -2.72
N GLY B 99 -4.04 -9.64 -2.21
CA GLY B 99 -4.35 -8.48 -3.03
C GLY B 99 -3.16 -7.52 -2.95
N MET B 100 -2.72 -7.00 -4.07
CA MET B 100 -1.56 -6.13 -4.09
C MET B 100 -2.03 -4.76 -4.59
N PHE B 101 -2.14 -3.77 -3.70
CA PHE B 101 -2.54 -2.40 -4.11
C PHE B 101 -1.45 -1.66 -4.85
N LEU B 102 -1.80 -1.13 -6.03
CA LEU B 102 -0.93 -0.47 -6.92
C LEU B 102 -1.50 0.87 -7.26
N ASN B 103 -0.99 1.92 -6.63
CA ASN B 103 -1.52 3.24 -6.97
C ASN B 103 -1.02 3.59 -8.33
N GLY B 104 -1.90 4.02 -9.21
CA GLY B 104 -1.57 4.35 -10.53
C GLY B 104 -0.55 5.47 -10.60
N LYS B 105 -0.51 6.35 -9.59
CA LYS B 105 0.47 7.47 -9.57
C LYS B 105 1.91 6.99 -9.43
N GLU B 106 2.09 5.77 -9.00
CA GLU B 106 3.44 5.22 -8.74
C GLU B 106 3.93 4.30 -9.93
N MET B 107 3.03 3.89 -10.81
CA MET B 107 3.39 2.98 -11.91
C MET B 107 4.06 3.75 -13.06
N GLN B 108 4.88 3.05 -13.83
CA GLN B 108 5.60 3.70 -14.93
C GLN B 108 4.67 4.12 -16.09
N MET B 109 3.40 3.68 -16.05
CA MET B 109 2.40 4.26 -16.97
C MET B 109 2.36 5.81 -16.84
N GLN B 110 2.57 6.31 -15.61
CA GLN B 110 2.60 7.78 -15.34
C GLN B 110 3.69 8.50 -16.09
N ARG B 111 4.73 7.76 -16.44
CA ARG B 111 5.87 8.30 -17.15
C ARG B 111 5.87 7.84 -18.59
N GLY B 112 4.71 7.35 -19.05
CA GLY B 112 4.51 7.11 -20.47
C GLY B 112 4.59 5.66 -20.92
N GLU B 113 4.81 4.72 -19.99
CA GLU B 113 4.84 3.32 -20.39
C GLU B 113 3.45 2.90 -20.92
N THR B 114 3.48 2.12 -22.00
CA THR B 114 2.26 1.68 -22.60
C THR B 114 1.48 0.67 -21.72
N VAL B 115 0.17 0.66 -21.90
CA VAL B 115 -0.67 -0.32 -21.26
C VAL B 115 -0.27 -1.72 -21.71
N SER B 116 0.06 -1.89 -22.98
CA SER B 116 0.44 -3.19 -23.51
C SER B 116 1.70 -3.72 -22.83
N ASP B 117 2.72 -2.87 -22.75
CA ASP B 117 4.00 -3.29 -22.06
C ASP B 117 3.74 -3.67 -20.59
N THR B 118 2.89 -2.87 -19.91
CA THR B 118 2.48 -3.12 -18.55
C THR B 118 1.80 -4.48 -18.40
N ALA B 119 0.89 -4.78 -19.31
CA ALA B 119 0.18 -6.04 -19.29
C ALA B 119 1.13 -7.22 -19.43
N LYS B 120 2.07 -7.11 -20.36
CA LYS B 120 2.96 -8.23 -20.63
C LYS B 120 3.89 -8.48 -19.46
N VAL B 121 4.35 -7.44 -18.78
CA VAL B 121 5.23 -7.71 -17.62
C VAL B 121 4.46 -8.19 -16.39
N LEU B 122 3.28 -7.62 -16.12
CA LEU B 122 2.51 -8.09 -14.95
C LEU B 122 2.13 -9.56 -15.04
N SER B 123 1.83 -10.05 -16.25
CA SER B 123 1.50 -11.42 -16.42
C SER B 123 2.61 -12.37 -16.01
N HIS B 124 3.87 -11.93 -15.99
CA HIS B 124 4.96 -12.76 -15.45
C HIS B 124 5.02 -12.87 -13.92
N TYR B 125 4.34 -11.97 -13.20
CA TYR B 125 4.51 -11.84 -11.76
C TYR B 125 3.28 -12.22 -10.95
N ILE B 126 2.09 -11.87 -11.45
CA ILE B 126 0.88 -12.03 -10.65
C ILE B 126 -0.17 -12.81 -11.44
N ASP B 127 -1.32 -13.08 -10.82
CA ASP B 127 -2.33 -14.04 -11.36
C ASP B 127 -3.62 -13.43 -11.96
N GLY B 128 -3.87 -12.14 -11.67
CA GLY B 128 -4.99 -11.40 -12.20
C GLY B 128 -4.83 -9.93 -11.88
N ILE B 129 -5.64 -9.10 -12.52
CA ILE B 129 -5.62 -7.66 -12.30
C ILE B 129 -7.02 -7.15 -12.15
N MET B 130 -7.28 -6.30 -11.15
CA MET B 130 -8.49 -5.51 -11.06
C MET B 130 -8.03 -4.07 -11.25
N ILE B 131 -8.66 -3.34 -12.18
CA ILE B 131 -8.24 -1.97 -12.46
C ILE B 131 -9.41 -0.99 -12.38
N ARG B 132 -9.22 0.12 -11.66
CA ARG B 132 -10.14 1.22 -11.64
C ARG B 132 -9.43 2.43 -12.25
N THR B 133 -10.05 3.01 -13.28
CA THR B 133 -9.41 4.11 -13.96
C THR B 133 -10.43 5.00 -14.65
N PHE B 134 -9.97 5.90 -15.52
CA PHE B 134 -10.85 6.81 -16.27
C PHE B 134 -11.28 6.14 -17.62
N SER B 135 -10.29 5.85 -18.44
CA SER B 135 -10.56 5.45 -19.84
C SER B 135 -10.94 3.96 -19.90
N HIS B 136 -12.16 3.68 -20.33
CA HIS B 136 -12.60 2.32 -20.56
C HIS B 136 -11.75 1.61 -21.62
N ALA B 137 -11.33 2.36 -22.62
CA ALA B 137 -10.38 1.83 -23.65
C ALA B 137 -9.08 1.25 -23.05
N ASP B 138 -8.55 1.89 -22.02
CA ASP B 138 -7.34 1.39 -21.37
C ASP B 138 -7.55 0.06 -20.72
N VAL B 139 -8.73 -0.15 -20.14
CA VAL B 139 -9.05 -1.40 -19.53
C VAL B 139 -9.25 -2.51 -20.58
N GLU B 140 -9.88 -2.14 -21.69
CA GLU B 140 -9.98 -3.05 -22.84
C GLU B 140 -8.60 -3.49 -23.36
N GLU B 141 -7.65 -2.55 -23.42
CA GLU B 141 -6.29 -2.86 -23.90
C GLU B 141 -5.54 -3.75 -22.89
N LEU B 142 -5.71 -3.45 -21.60
CA LEU B 142 -5.09 -4.26 -20.58
C LEU B 142 -5.59 -5.71 -20.68
N ALA B 143 -6.87 -5.89 -20.88
CA ALA B 143 -7.46 -7.23 -20.98
C ALA B 143 -6.97 -7.94 -22.23
N LYS B 144 -6.90 -7.22 -23.33
CA LYS B 144 -6.45 -7.81 -24.58
C LYS B 144 -5.00 -8.27 -24.50
N GLU B 145 -4.13 -7.47 -23.87
CA GLU B 145 -2.69 -7.76 -23.86
C GLU B 145 -2.18 -8.59 -22.71
N SER B 146 -3.05 -8.84 -21.74
CA SER B 146 -2.76 -9.63 -20.57
CA SER B 146 -2.75 -9.63 -20.58
C SER B 146 -3.11 -11.09 -20.81
N SER B 147 -2.25 -12.03 -20.38
CA SER B 147 -2.61 -13.48 -20.38
C SER B 147 -3.38 -13.88 -19.10
N ILE B 148 -3.48 -12.99 -18.13
CA ILE B 148 -4.19 -13.23 -16.88
C ILE B 148 -5.53 -12.47 -16.88
N PRO B 149 -6.47 -12.91 -16.06
CA PRO B 149 -7.79 -12.23 -16.05
C PRO B 149 -7.72 -10.77 -15.66
N VAL B 150 -8.56 -9.96 -16.29
CA VAL B 150 -8.69 -8.57 -15.94
C VAL B 150 -10.15 -8.28 -15.55
N ILE B 151 -10.31 -7.53 -14.45
CA ILE B 151 -11.61 -7.15 -13.93
C ILE B 151 -11.67 -5.63 -13.87
N ASN B 152 -12.73 -5.06 -14.46
CA ASN B 152 -13.01 -3.62 -14.36
C ASN B 152 -13.64 -3.30 -13.00
N GLY B 153 -12.89 -2.57 -12.17
CA GLY B 153 -13.32 -2.09 -10.87
C GLY B 153 -13.86 -0.67 -10.82
N LEU B 154 -14.19 -0.15 -12.00
CA LEU B 154 -14.92 1.10 -12.36
C LEU B 154 -14.08 1.82 -13.42
N THR B 155 -14.76 2.27 -14.44
CA THR B 155 -14.22 3.20 -15.43
C THR B 155 -15.23 4.34 -15.60
N ASP B 156 -14.89 5.31 -16.43
CA ASP B 156 -15.81 6.39 -16.69
C ASP B 156 -17.12 5.82 -17.25
N ASP B 157 -17.05 4.69 -17.94
CA ASP B 157 -18.22 4.17 -18.62
C ASP B 157 -18.99 3.00 -17.98
N HIS B 158 -18.33 2.16 -17.19
CA HIS B 158 -18.94 0.97 -16.61
C HIS B 158 -18.48 0.70 -15.19
N HIS B 159 -19.37 0.12 -14.37
CA HIS B 159 -19.01 -0.35 -13.00
C HIS B 159 -19.68 -1.73 -12.79
N PRO B 160 -19.16 -2.74 -13.49
CA PRO B 160 -19.94 -3.97 -13.56
C PRO B 160 -20.00 -4.75 -12.25
N CYS B 161 -18.96 -4.70 -11.43
CA CYS B 161 -19.00 -5.45 -10.16
C CYS B 161 -20.03 -4.91 -9.20
N GLN B 162 -20.23 -3.60 -9.23
CA GLN B 162 -21.28 -2.97 -8.46
C GLN B 162 -22.65 -3.58 -8.85
N ALA B 163 -22.98 -3.56 -10.16
CA ALA B 163 -24.31 -4.07 -10.60
C ALA B 163 -24.49 -5.57 -10.35
N LEU B 164 -23.41 -6.35 -10.41
CA LEU B 164 -23.48 -7.74 -10.00
C LEU B 164 -23.87 -7.94 -8.55
N ALA B 165 -23.23 -7.19 -7.66
CA ALA B 165 -23.60 -7.16 -6.28
C ALA B 165 -25.02 -6.64 -6.07
N ASP B 166 -25.43 -5.65 -6.87
CA ASP B 166 -26.79 -5.11 -6.73
C ASP B 166 -27.87 -6.15 -7.10
N LEU B 167 -27.62 -6.92 -8.14
CA LEU B 167 -28.50 -8.01 -8.50
C LEU B 167 -28.62 -9.02 -7.37
N MET B 168 -27.49 -9.37 -6.76
CA MET B 168 -27.48 -10.24 -5.59
C MET B 168 -28.35 -9.68 -4.45
N THR B 169 -28.15 -8.40 -4.14
CA THR B 169 -28.92 -7.74 -3.10
C THR B 169 -30.43 -7.78 -3.40
N ILE B 170 -30.83 -7.47 -4.65
CA ILE B 170 -32.25 -7.55 -5.05
C ILE B 170 -32.77 -8.98 -4.87
N TYR B 171 -31.99 -9.96 -5.37
CA TYR B 171 -32.42 -11.39 -5.35
C TYR B 171 -32.57 -11.94 -3.92
N GLU B 172 -31.71 -11.48 -3.01
CA GLU B 172 -31.86 -11.85 -1.61
C GLU B 172 -33.22 -11.42 -1.05
N GLU B 173 -33.74 -10.30 -1.53
CA GLU B 173 -35.07 -9.82 -1.08
C GLU B 173 -36.19 -10.51 -1.81
N THR B 174 -36.11 -10.60 -3.13
CA THR B 174 -37.24 -11.03 -3.95
C THR B 174 -37.31 -12.52 -4.28
N ASN B 175 -36.17 -13.20 -4.26
CA ASN B 175 -35.96 -14.54 -4.76
C ASN B 175 -36.34 -14.72 -6.25
N THR B 176 -36.37 -13.63 -7.03
CA THR B 176 -36.68 -13.70 -8.46
C THR B 176 -36.41 -12.37 -9.12
N PHE B 177 -36.25 -12.34 -10.43
CA PHE B 177 -36.16 -11.07 -11.18
C PHE B 177 -37.39 -10.83 -12.03
N LYS B 178 -38.25 -11.82 -12.08
CA LYS B 178 -39.43 -11.73 -12.85
C LYS B 178 -40.46 -10.88 -12.18
N GLY B 179 -40.94 -9.86 -12.90
CA GLY B 179 -41.99 -8.98 -12.39
C GLY B 179 -41.49 -7.93 -11.40
N ILE B 180 -40.18 -7.79 -11.29
CA ILE B 180 -39.57 -6.80 -10.35
C ILE B 180 -39.28 -5.56 -11.18
N LYS B 181 -39.50 -4.40 -10.53
CA LYS B 181 -39.23 -3.11 -11.15
C LYS B 181 -38.16 -2.34 -10.36
N LEU B 182 -37.07 -2.02 -11.05
CA LEU B 182 -35.99 -1.13 -10.55
C LEU B 182 -36.09 0.22 -11.24
N ALA B 183 -36.07 1.29 -10.47
CA ALA B 183 -36.08 2.64 -11.00
C ALA B 183 -34.79 3.32 -10.59
N TYR B 184 -34.01 3.75 -11.57
CA TYR B 184 -32.81 4.57 -11.30
C TYR B 184 -33.09 6.04 -11.69
N VAL B 185 -32.83 6.91 -10.74
CA VAL B 185 -33.13 8.34 -10.87
C VAL B 185 -31.82 9.06 -10.56
N GLY B 186 -31.34 9.86 -11.50
CA GLY B 186 -30.04 10.50 -11.37
C GLY B 186 -29.36 10.77 -12.67
N ASP B 187 -28.02 10.74 -12.63
CA ASP B 187 -27.17 11.05 -13.77
C ASP B 187 -26.98 9.74 -14.59
N GLY B 188 -27.04 9.86 -15.90
CA GLY B 188 -26.78 8.72 -16.81
C GLY B 188 -25.31 8.36 -16.97
N ASN B 189 -24.77 7.76 -15.91
CA ASN B 189 -23.39 7.58 -15.68
C ASN B 189 -22.98 6.07 -15.72
N ASN B 190 -21.74 5.80 -15.34
CA ASN B 190 -21.20 4.41 -15.28
C ASN B 190 -22.05 3.37 -14.52
N VAL B 191 -22.57 3.76 -13.36
CA VAL B 191 -23.44 2.89 -12.56
C VAL B 191 -24.78 2.68 -13.25
N CYS B 192 -25.36 3.73 -13.86
CA CYS B 192 -26.59 3.59 -14.61
C CYS B 192 -26.38 2.56 -15.75
N HIS B 193 -25.27 2.73 -16.50
CA HIS B 193 -24.94 1.81 -17.58
C HIS B 193 -24.92 0.35 -17.16
N SER B 194 -24.22 0.08 -16.05
CA SER B 194 -24.06 -1.26 -15.60
C SER B 194 -25.43 -1.86 -15.10
N LEU B 195 -26.23 -1.05 -14.48
CA LEU B 195 -27.57 -1.47 -14.03
C LEU B 195 -28.44 -1.78 -15.23
N LEU B 196 -28.34 -0.98 -16.30
CA LEU B 196 -29.10 -1.23 -17.50
C LEU B 196 -28.76 -2.60 -18.09
N LEU B 197 -27.49 -2.87 -18.23
CA LEU B 197 -27.04 -4.16 -18.81
C LEU B 197 -27.37 -5.32 -17.86
N ALA B 198 -27.21 -5.12 -16.56
CA ALA B 198 -27.56 -6.15 -15.55
C ALA B 198 -29.01 -6.51 -15.57
N SER B 199 -29.87 -5.50 -15.58
CA SER B 199 -31.32 -5.68 -15.56
C SER B 199 -31.77 -6.41 -16.83
N ALA B 200 -31.23 -5.98 -17.97
CA ALA B 200 -31.61 -6.58 -19.23
C ALA B 200 -31.18 -8.07 -19.21
N LYS B 201 -30.00 -8.36 -18.69
CA LYS B 201 -29.50 -9.76 -18.64
C LYS B 201 -30.41 -10.69 -17.86
N VAL B 202 -30.96 -10.25 -16.76
CA VAL B 202 -31.75 -11.15 -15.91
C VAL B 202 -33.23 -11.02 -16.11
N GLY B 203 -33.65 -10.17 -17.03
CA GLY B 203 -35.05 -10.00 -17.33
C GLY B 203 -35.88 -9.07 -16.41
N MET B 204 -35.21 -8.24 -15.64
CA MET B 204 -35.87 -7.32 -14.68
C MET B 204 -36.28 -6.04 -15.45
N HIS B 205 -37.42 -5.49 -15.06
CA HIS B 205 -37.89 -4.24 -15.61
CA HIS B 205 -37.94 -4.23 -15.60
C HIS B 205 -37.11 -3.12 -14.98
N MET B 206 -36.60 -2.22 -15.81
CA MET B 206 -35.80 -1.06 -15.32
C MET B 206 -36.24 0.21 -16.01
N THR B 207 -36.46 1.25 -15.22
CA THR B 207 -36.71 2.57 -15.74
C THR B 207 -35.58 3.51 -15.28
N VAL B 208 -35.28 4.46 -16.11
CA VAL B 208 -34.27 5.50 -15.78
C VAL B 208 -34.95 6.86 -15.94
N ALA B 209 -34.73 7.75 -14.99
CA ALA B 209 -35.05 9.19 -15.21
C ALA B 209 -33.79 9.99 -14.96
N THR B 210 -33.41 10.79 -15.96
CA THR B 210 -32.32 11.73 -15.84
C THR B 210 -32.79 13.10 -16.30
N PRO B 211 -32.08 14.16 -15.90
CA PRO B 211 -32.34 15.43 -16.56
C PRO B 211 -31.99 15.43 -18.06
N VAL B 212 -32.57 16.40 -18.76
CA VAL B 212 -32.18 16.68 -20.14
C VAL B 212 -30.72 17.06 -20.25
N GLY B 213 -30.02 16.40 -21.16
CA GLY B 213 -28.56 16.52 -21.34
C GLY B 213 -27.67 15.52 -20.63
N TYR B 214 -28.29 14.69 -19.76
CA TYR B 214 -27.58 13.75 -18.93
C TYR B 214 -28.14 12.32 -19.03
N ARG B 215 -28.64 11.97 -20.22
CA ARG B 215 -29.09 10.60 -20.51
C ARG B 215 -27.95 9.61 -20.50
N PRO B 216 -28.23 8.36 -20.18
CA PRO B 216 -27.24 7.31 -20.40
C PRO B 216 -26.86 7.23 -21.87
N ASN B 217 -25.63 6.77 -22.10
CA ASN B 217 -25.06 6.67 -23.44
C ASN B 217 -26.02 5.87 -24.37
N GLU B 218 -26.30 6.41 -25.55
CA GLU B 218 -27.28 5.82 -26.41
C GLU B 218 -26.82 4.46 -26.97
N GLU B 219 -25.51 4.28 -27.19
CA GLU B 219 -25.08 2.98 -27.66
C GLU B 219 -25.25 1.91 -26.59
N ILE B 220 -24.98 2.26 -25.32
CA ILE B 220 -25.24 1.35 -24.18
C ILE B 220 -26.74 1.02 -24.02
N VAL B 221 -27.58 2.04 -24.15
CA VAL B 221 -29.03 1.85 -24.14
C VAL B 221 -29.43 0.83 -25.24
N LYS B 222 -28.92 1.02 -26.46
CA LYS B 222 -29.23 0.08 -27.53
C LYS B 222 -28.82 -1.37 -27.23
N LYS B 223 -27.63 -1.56 -26.69
CA LYS B 223 -27.16 -2.90 -26.30
C LYS B 223 -28.09 -3.51 -25.26
N ALA B 224 -28.47 -2.72 -24.26
CA ALA B 224 -29.42 -3.21 -23.23
C ALA B 224 -30.80 -3.61 -23.80
N LEU B 225 -31.33 -2.77 -24.72
CA LEU B 225 -32.61 -3.06 -25.35
C LEU B 225 -32.52 -4.34 -26.17
N ALA B 226 -31.40 -4.55 -26.87
CA ALA B 226 -31.19 -5.78 -27.63
C ALA B 226 -31.17 -7.02 -26.75
N ILE B 227 -30.48 -6.94 -25.64
CA ILE B 227 -30.42 -8.04 -24.67
C ILE B 227 -31.85 -8.28 -24.14
N ALA B 228 -32.57 -7.21 -23.84
CA ALA B 228 -33.90 -7.28 -23.22
C ALA B 228 -34.91 -7.96 -24.13
N LYS B 229 -34.72 -7.80 -25.43
CA LYS B 229 -35.59 -8.52 -26.37
C LYS B 229 -35.62 -9.99 -26.11
N GLU B 230 -34.46 -10.58 -25.82
CA GLU B 230 -34.34 -12.02 -25.56
C GLU B 230 -34.81 -12.46 -24.19
N THR B 231 -34.73 -11.58 -23.18
CA THR B 231 -35.00 -12.00 -21.82
C THR B 231 -36.38 -11.61 -21.28
N GLY B 232 -37.11 -10.71 -21.95
CA GLY B 232 -38.39 -10.21 -21.42
C GLY B 232 -38.32 -8.96 -20.55
N ALA B 233 -37.12 -8.39 -20.37
CA ALA B 233 -36.95 -7.16 -19.62
C ALA B 233 -37.59 -5.98 -20.33
N GLU B 234 -38.20 -5.07 -19.60
CA GLU B 234 -38.74 -3.85 -20.17
C GLU B 234 -37.77 -2.78 -19.67
N ILE B 235 -37.14 -2.09 -20.59
CA ILE B 235 -36.22 -1.00 -20.27
C ILE B 235 -36.78 0.28 -20.84
N GLU B 236 -36.94 1.30 -19.99
CA GLU B 236 -37.43 2.59 -20.46
C GLU B 236 -36.52 3.71 -19.97
N ILE B 237 -36.16 4.61 -20.89
CA ILE B 237 -35.34 5.77 -20.53
C ILE B 237 -36.25 7.03 -20.62
N LEU B 238 -36.38 7.76 -19.52
CA LEU B 238 -37.35 8.82 -19.32
C LEU B 238 -36.67 10.09 -18.71
N HIS B 239 -37.45 11.17 -18.66
CA HIS B 239 -37.01 12.42 -17.99
C HIS B 239 -37.75 12.66 -16.67
N ASN B 240 -38.94 12.11 -16.51
CA ASN B 240 -39.84 12.43 -15.37
C ASN B 240 -39.60 11.42 -14.24
N PRO B 241 -39.01 11.86 -13.14
CA PRO B 241 -38.72 10.92 -12.06
C PRO B 241 -39.94 10.32 -11.37
N GLU B 242 -41.01 11.07 -11.23
CA GLU B 242 -42.19 10.54 -10.60
C GLU B 242 -42.79 9.39 -11.44
N LEU B 243 -42.81 9.55 -12.76
CA LEU B 243 -43.21 8.48 -13.62
C LEU B 243 -42.28 7.27 -13.55
N ALA B 244 -40.97 7.52 -13.50
CA ALA B 244 -39.99 6.44 -13.45
C ALA B 244 -40.17 5.54 -12.21
N VAL B 245 -40.43 6.13 -11.05
CA VAL B 245 -40.50 5.36 -9.80
C VAL B 245 -41.87 4.76 -9.54
N ASN B 246 -42.85 5.07 -10.41
CA ASN B 246 -44.20 4.56 -10.19
C ASN B 246 -44.25 3.03 -10.03
N GLU B 247 -44.77 2.61 -8.88
CA GLU B 247 -44.88 1.20 -8.51
C GLU B 247 -43.58 0.42 -8.47
N ALA B 248 -42.46 1.13 -8.23
CA ALA B 248 -41.16 0.45 -8.22
C ALA B 248 -40.98 -0.36 -6.95
N ASP B 249 -40.26 -1.47 -7.08
CA ASP B 249 -39.86 -2.28 -5.95
C ASP B 249 -38.53 -1.78 -5.37
N PHE B 250 -37.68 -1.16 -6.22
CA PHE B 250 -36.40 -0.57 -5.84
C PHE B 250 -36.22 0.80 -6.45
N ILE B 251 -35.69 1.76 -5.68
CA ILE B 251 -35.24 3.04 -6.18
C ILE B 251 -33.75 3.14 -5.94
N TYR B 252 -33.02 3.53 -6.98
CA TYR B 252 -31.55 3.60 -6.95
C TYR B 252 -31.10 5.03 -7.35
N THR B 253 -30.11 5.58 -6.68
CA THR B 253 -29.46 6.78 -7.18
C THR B 253 -27.95 6.73 -6.88
N ASP B 254 -27.26 7.78 -7.32
CA ASP B 254 -25.81 7.91 -7.19
C ASP B 254 -25.54 9.41 -7.16
N VAL B 255 -24.28 9.76 -6.92
CA VAL B 255 -23.88 11.18 -6.85
C VAL B 255 -24.10 11.90 -8.18
N TRP B 256 -24.27 13.20 -8.07
CA TRP B 256 -24.53 14.03 -9.25
C TRP B 256 -23.25 14.38 -10.01
N MET B 257 -22.10 14.32 -9.34
CA MET B 257 -20.80 14.63 -9.96
C MET B 257 -19.86 13.45 -9.67
N SER B 258 -19.69 12.61 -10.68
CA SER B 258 -18.83 11.43 -10.56
C SER B 258 -17.35 11.79 -10.63
N MET B 259 -16.49 10.85 -10.27
CA MET B 259 -15.06 11.12 -10.19
C MET B 259 -14.44 11.57 -11.53
N GLY B 260 -14.96 11.04 -12.61
CA GLY B 260 -14.51 11.37 -13.95
C GLY B 260 -15.06 12.68 -14.56
N GLN B 261 -15.91 13.38 -13.82
CA GLN B 261 -16.63 14.53 -14.35
C GLN B 261 -16.17 15.88 -13.83
N GLU B 262 -16.11 16.88 -14.71
CA GLU B 262 -15.83 18.24 -14.24
C GLU B 262 -16.87 19.04 -14.95
N GLY B 263 -18.10 18.84 -14.50
CA GLY B 263 -19.28 19.27 -15.17
C GLY B 263 -19.58 20.71 -14.83
N GLU B 264 -20.42 21.31 -15.65
CA GLU B 264 -20.72 22.72 -15.52
C GLU B 264 -21.46 22.97 -14.20
N GLU B 265 -21.45 24.20 -13.72
CA GLU B 265 -22.25 24.58 -12.56
C GLU B 265 -23.77 24.57 -12.85
N GLU B 266 -24.16 24.82 -14.10
CA GLU B 266 -25.56 24.64 -14.55
C GLU B 266 -26.12 23.19 -14.29
N LYS B 267 -25.24 22.23 -14.17
CA LYS B 267 -25.66 20.85 -13.87
C LYS B 267 -26.47 20.79 -12.57
N TYR B 268 -25.98 21.43 -11.52
CA TYR B 268 -26.71 21.39 -10.23
C TYR B 268 -28.10 21.93 -10.34
N THR B 269 -28.31 22.98 -11.13
CA THR B 269 -29.63 23.54 -11.33
C THR B 269 -30.57 22.51 -12.01
N LEU B 270 -30.07 21.86 -13.06
CA LEU B 270 -30.85 20.82 -13.76
C LEU B 270 -31.19 19.58 -12.94
N PHE B 271 -30.37 19.27 -11.97
CA PHE B 271 -30.58 18.14 -11.10
C PHE B 271 -31.53 18.36 -9.91
N GLN B 272 -31.89 19.60 -9.63
CA GLN B 272 -32.78 19.88 -8.44
C GLN B 272 -34.06 18.99 -8.39
N PRO B 273 -34.74 18.77 -9.51
CA PRO B 273 -35.94 17.94 -9.47
C PRO B 273 -35.72 16.43 -9.29
N TYR B 274 -34.46 16.00 -9.18
CA TYR B 274 -34.11 14.54 -9.22
C TYR B 274 -33.64 13.98 -7.87
N GLN B 275 -33.70 14.80 -6.80
CA GLN B 275 -33.37 14.24 -5.50
C GLN B 275 -34.34 13.12 -5.05
N ILE B 276 -33.78 12.05 -4.44
CA ILE B 276 -34.58 11.00 -3.85
C ILE B 276 -34.96 11.48 -2.44
N ASN B 277 -36.24 11.78 -2.28
CA ASN B 277 -36.78 12.28 -1.04
C ASN B 277 -38.18 11.77 -0.79
N LYS B 278 -38.73 12.08 0.37
CA LYS B 278 -40.03 11.57 0.79
C LYS B 278 -41.10 11.79 -0.26
N GLU B 279 -41.12 12.99 -0.86
CA GLU B 279 -42.12 13.33 -1.88
C GLU B 279 -42.01 12.43 -3.14
N LEU B 280 -40.79 12.08 -3.55
CA LEU B 280 -40.62 11.21 -4.68
C LEU B 280 -40.97 9.75 -4.36
N VAL B 281 -40.52 9.23 -3.21
CA VAL B 281 -40.63 7.78 -2.98
C VAL B 281 -42.08 7.36 -2.67
N LYS B 282 -42.94 8.31 -2.32
CA LYS B 282 -44.32 7.95 -2.11
C LYS B 282 -45.01 7.42 -3.38
N HIS B 283 -44.44 7.72 -4.54
CA HIS B 283 -44.95 7.18 -5.80
C HIS B 283 -44.59 5.71 -6.07
N ALA B 284 -43.60 5.19 -5.35
CA ALA B 284 -43.19 3.78 -5.48
C ALA B 284 -44.06 2.92 -4.55
N LYS B 285 -43.87 1.60 -4.60
CA LYS B 285 -44.56 0.70 -3.70
C LYS B 285 -44.22 1.05 -2.24
N GLN B 286 -45.19 0.83 -1.34
CA GLN B 286 -44.90 1.05 0.09
C GLN B 286 -43.78 0.15 0.56
N THR B 287 -43.63 -1.01 -0.09
CA THR B 287 -42.63 -1.99 0.26
C THR B 287 -41.30 -1.81 -0.47
N TYR B 288 -41.10 -0.70 -1.18
CA TYR B 288 -39.88 -0.46 -1.96
C TYR B 288 -38.69 -0.47 -1.04
N HIS B 289 -37.50 -0.69 -1.62
CA HIS B 289 -36.27 -0.50 -0.90
C HIS B 289 -35.34 0.41 -1.68
N PHE B 290 -34.52 1.15 -0.91
CA PHE B 290 -33.62 2.15 -1.47
C PHE B 290 -32.19 1.58 -1.58
N LEU B 291 -31.58 1.83 -2.74
CA LEU B 291 -30.25 1.43 -3.12
C LEU B 291 -29.43 2.65 -3.56
N HIS B 292 -28.13 2.59 -3.27
CA HIS B 292 -27.18 3.64 -3.63
C HIS B 292 -25.81 2.94 -3.62
N CYS B 293 -25.04 3.08 -4.68
CA CYS B 293 -23.74 2.40 -4.68
C CYS B 293 -22.77 2.86 -3.63
N LEU B 294 -22.93 4.10 -3.17
CA LEU B 294 -22.02 4.76 -2.25
C LEU B 294 -20.66 5.09 -2.94
N PRO B 295 -19.98 6.16 -2.52
CA PRO B 295 -20.36 7.06 -1.45
C PRO B 295 -21.52 7.94 -1.76
N ALA B 296 -22.25 8.35 -0.69
CA ALA B 296 -23.43 9.20 -0.85
C ALA B 296 -23.19 10.58 -0.25
N HIS B 297 -23.91 11.57 -0.76
CA HIS B 297 -23.88 12.94 -0.21
C HIS B 297 -25.32 13.26 0.30
N ARG B 298 -25.53 13.09 1.59
CA ARG B 298 -26.86 13.33 2.13
C ARG B 298 -27.27 14.79 1.88
N GLU B 299 -28.56 14.95 1.60
CA GLU B 299 -29.24 16.20 1.31
C GLU B 299 -28.88 16.74 -0.11
N GLU B 300 -28.15 15.97 -0.92
CA GLU B 300 -28.01 16.23 -2.34
C GLU B 300 -28.80 15.25 -3.14
N GLU B 301 -28.20 14.15 -3.59
CA GLU B 301 -28.94 13.19 -4.41
C GLU B 301 -29.98 12.41 -3.63
N VAL B 302 -29.80 12.27 -2.34
CA VAL B 302 -30.75 11.59 -1.45
C VAL B 302 -30.75 12.29 -0.10
N THR B 303 -31.93 12.40 0.53
CA THR B 303 -32.02 12.96 1.89
C THR B 303 -31.56 11.92 2.93
N GLY B 304 -31.07 12.38 4.05
CA GLY B 304 -30.84 11.51 5.22
C GLY B 304 -32.04 10.68 5.56
N GLU B 305 -33.21 11.32 5.52
CA GLU B 305 -34.48 10.65 5.85
C GLU B 305 -34.67 9.33 5.05
N ILE B 306 -34.31 9.35 3.79
CA ILE B 306 -34.39 8.13 2.95
C ILE B 306 -33.22 7.16 3.20
N ILE B 307 -31.97 7.62 3.11
CA ILE B 307 -30.85 6.67 3.11
C ILE B 307 -30.65 6.06 4.51
N ASP B 308 -31.07 6.78 5.54
CA ASP B 308 -30.99 6.26 6.93
C ASP B 308 -32.30 5.73 7.42
N GLY B 309 -33.31 5.72 6.56
CA GLY B 309 -34.64 5.33 6.94
C GLY B 309 -34.89 3.81 6.81
N PRO B 310 -36.12 3.38 7.12
CA PRO B 310 -36.38 1.94 7.32
C PRO B 310 -36.41 1.14 6.00
N GLN B 311 -36.51 1.83 4.86
CA GLN B 311 -36.51 1.17 3.55
C GLN B 311 -35.13 1.08 2.88
N SER B 312 -34.11 1.64 3.52
CA SER B 312 -32.77 1.67 2.92
C SER B 312 -32.05 0.33 3.20
N ILE B 313 -31.41 -0.21 2.20
CA ILE B 313 -30.59 -1.43 2.32
C ILE B 313 -29.16 -1.18 1.83
N VAL B 314 -28.75 0.08 1.86
CA VAL B 314 -27.44 0.41 1.23
C VAL B 314 -26.24 -0.30 1.88
N PHE B 315 -26.30 -0.61 3.17
CA PHE B 315 -25.13 -1.18 3.83
C PHE B 315 -25.06 -2.70 3.62
N GLU B 316 -26.21 -3.36 3.55
CA GLU B 316 -26.22 -4.78 3.06
C GLU B 316 -25.77 -4.83 1.61
N GLN B 317 -26.19 -3.86 0.80
CA GLN B 317 -25.79 -3.74 -0.63
C GLN B 317 -24.26 -3.62 -0.75
N ALA B 318 -23.67 -2.77 0.07
CA ALA B 318 -22.20 -2.63 0.07
C ALA B 318 -21.55 -3.89 0.52
N GLY B 319 -22.11 -4.53 1.56
CA GLY B 319 -21.54 -5.79 2.01
C GLY B 319 -21.47 -6.87 0.95
N ASN B 320 -22.49 -6.91 0.09
CA ASN B 320 -22.51 -7.87 -0.97
C ASN B 320 -21.48 -7.70 -2.09
N ARG B 321 -20.83 -6.53 -2.15
CA ARG B 321 -19.61 -6.39 -3.03
C ARG B 321 -18.63 -7.50 -2.72
N LEU B 322 -18.45 -7.80 -1.44
CA LEU B 322 -17.47 -8.78 -0.99
C LEU B 322 -17.82 -10.16 -1.62
N HIS B 323 -19.06 -10.62 -1.36
CA HIS B 323 -19.48 -11.98 -1.72
C HIS B 323 -19.59 -12.16 -3.21
N ALA B 324 -20.18 -11.16 -3.89
CA ALA B 324 -20.36 -11.25 -5.33
C ALA B 324 -19.02 -11.30 -6.04
N GLN B 325 -18.08 -10.48 -5.58
CA GLN B 325 -16.73 -10.51 -6.17
C GLN B 325 -15.93 -11.78 -5.87
N LYS B 326 -16.10 -12.33 -4.68
CA LYS B 326 -15.47 -13.62 -4.38
C LYS B 326 -15.96 -14.72 -5.35
N ALA B 327 -17.25 -14.73 -5.63
CA ALA B 327 -17.81 -15.66 -6.62
C ALA B 327 -17.20 -15.46 -8.00
N LEU B 328 -17.11 -14.21 -8.43
CA LEU B 328 -16.48 -13.87 -9.70
C LEU B 328 -15.02 -14.28 -9.76
N LEU B 329 -14.28 -13.98 -8.71
CA LEU B 329 -12.86 -14.28 -8.63
C LEU B 329 -12.61 -15.75 -8.76
N VAL B 330 -13.34 -16.50 -7.96
CA VAL B 330 -13.14 -17.97 -8.00
C VAL B 330 -13.44 -18.50 -9.40
N SER B 331 -14.50 -18.03 -10.00
CA SER B 331 -14.89 -18.51 -11.33
C SER B 331 -13.87 -18.14 -12.41
N LEU B 332 -13.37 -16.92 -12.37
CA LEU B 332 -12.40 -16.48 -13.35
C LEU B 332 -11.07 -17.17 -13.17
N PHE B 333 -10.64 -17.37 -11.95
CA PHE B 333 -9.35 -18.01 -11.66
CA PHE B 333 -9.34 -17.99 -11.67
C PHE B 333 -9.36 -19.46 -12.06
N LYS B 334 -10.61 -20.21 -11.98
CA LYS B 334 -10.78 -21.50 -12.37
C LYS B 334 -10.65 -21.71 -13.90
N ASN B 335 -11.06 -20.71 -14.68
CA ASN B 335 -11.18 -20.71 -16.13
C ASN B 335 -9.86 -20.26 -16.82
N GLN C 29 -2.42 -16.95 29.82
CA GLN C 29 -3.66 -16.72 28.99
C GLN C 29 -3.72 -15.28 28.47
N VAL C 30 -4.62 -15.13 27.52
CA VAL C 30 -4.88 -13.87 26.91
C VAL C 30 -5.63 -12.99 27.91
N PRO C 31 -5.14 -11.75 28.16
CA PRO C 31 -5.90 -10.82 28.97
C PRO C 31 -7.34 -10.61 28.46
N LYS C 32 -8.30 -10.64 29.39
CA LYS C 32 -9.66 -10.23 29.08
C LYS C 32 -9.76 -8.73 29.31
N LEU C 33 -10.35 -8.00 28.33
CA LEU C 33 -10.60 -6.57 28.45
C LEU C 33 -12.11 -6.26 28.35
N ASN C 34 -12.60 -5.33 29.15
CA ASN C 34 -13.99 -4.89 29.09
C ASN C 34 -14.17 -3.70 28.16
N THR C 35 -13.51 -3.71 27.02
CA THR C 35 -13.70 -2.67 26.01
C THR C 35 -13.56 -3.33 24.68
N LYS C 36 -14.33 -2.84 23.69
CA LYS C 36 -14.25 -3.18 22.24
CA LYS C 36 -14.21 -3.21 22.28
C LYS C 36 -13.09 -2.45 21.56
N ASP C 37 -12.83 -1.22 22.04
CA ASP C 37 -11.95 -0.28 21.34
C ASP C 37 -10.83 0.22 22.24
N LEU C 38 -9.81 0.85 21.66
CA LEU C 38 -8.80 1.51 22.46
C LEU C 38 -8.54 2.87 21.86
N LEU C 39 -9.19 3.87 22.44
CA LEU C 39 -9.09 5.25 22.02
C LEU C 39 -8.20 6.13 22.89
N THR C 40 -8.28 5.98 24.21
CA THR C 40 -7.46 6.78 25.12
C THR C 40 -6.70 6.19 26.33
N LEU C 41 -6.94 4.95 26.67
CA LEU C 41 -6.39 4.31 27.89
C LEU C 41 -7.30 4.51 29.07
N GLU C 42 -8.25 5.42 28.97
CA GLU C 42 -9.26 5.58 29.99
C GLU C 42 -10.09 4.33 30.05
N GLU C 43 -10.23 3.66 28.92
CA GLU C 43 -11.09 2.44 28.80
C GLU C 43 -10.59 1.23 29.56
N LEU C 44 -9.36 1.30 30.06
CA LEU C 44 -8.71 0.17 30.67
C LEU C 44 -8.54 0.39 32.15
N THR C 45 -8.66 -0.67 32.95
CA THR C 45 -8.32 -0.60 34.36
C THR C 45 -6.83 -0.80 34.58
N GLN C 46 -6.36 -0.47 35.79
CA GLN C 46 -4.99 -0.72 36.16
C GLN C 46 -4.60 -2.16 35.93
N GLU C 47 -5.46 -3.08 36.39
CA GLU C 47 -5.17 -4.50 36.31
C GLU C 47 -5.07 -4.96 34.85
N GLU C 48 -5.95 -4.43 34.02
CA GLU C 48 -5.93 -4.76 32.57
C GLU C 48 -4.61 -4.25 31.90
N ILE C 49 -4.19 -3.04 32.25
CA ILE C 49 -2.94 -2.50 31.72
C ILE C 49 -1.75 -3.36 32.12
N ILE C 50 -1.68 -3.73 33.41
CA ILE C 50 -0.58 -4.54 33.86
C ILE C 50 -0.60 -5.89 33.16
N SER C 51 -1.78 -6.46 32.98
CA SER C 51 -1.92 -7.74 32.29
C SER C 51 -1.45 -7.65 30.84
N LEU C 52 -1.77 -6.54 30.17
CA LEU C 52 -1.28 -6.30 28.81
C LEU C 52 0.25 -6.24 28.72
N ILE C 53 0.88 -5.55 29.67
CA ILE C 53 2.31 -5.43 29.70
C ILE C 53 2.97 -6.78 29.93
N GLU C 54 2.47 -7.52 30.90
CA GLU C 54 3.00 -8.87 31.12
C GLU C 54 2.84 -9.79 29.90
N PHE C 55 1.69 -9.73 29.23
CA PHE C 55 1.46 -10.53 28.01
C PHE C 55 2.42 -10.09 26.88
N ALA C 56 2.63 -8.78 26.73
CA ALA C 56 3.55 -8.26 25.73
C ALA C 56 4.98 -8.78 25.94
N ILE C 57 5.39 -8.84 27.21
CA ILE C 57 6.70 -9.32 27.60
C ILE C 57 6.79 -10.82 27.29
N TYR C 58 5.73 -11.57 27.57
CA TYR C 58 5.64 -12.98 27.16
C TYR C 58 5.79 -13.13 25.64
N LEU C 59 5.04 -12.37 24.87
CA LEU C 59 5.07 -12.46 23.43
C LEU C 59 6.45 -12.09 22.88
N LYS C 60 7.12 -11.14 23.53
CA LYS C 60 8.42 -10.70 23.10
C LYS C 60 9.44 -11.84 23.21
N LYS C 61 9.27 -12.65 24.24
CA LYS C 61 10.25 -13.71 24.60
C LYS C 61 10.00 -15.04 23.92
N ASN C 62 8.79 -15.28 23.46
CA ASN C 62 8.35 -16.62 23.06
C ASN C 62 8.06 -16.76 21.59
N LYS C 63 8.09 -18.00 21.10
CA LYS C 63 7.92 -18.30 19.67
C LYS C 63 6.61 -17.75 19.14
N GLN C 64 6.63 -17.23 17.92
CA GLN C 64 5.44 -16.68 17.30
CA GLN C 64 5.44 -16.69 17.25
C GLN C 64 4.43 -17.80 17.02
N GLU C 65 3.18 -17.60 17.45
CA GLU C 65 2.12 -18.54 17.10
C GLU C 65 1.03 -17.75 16.41
N PRO C 66 0.25 -18.42 15.54
CA PRO C 66 -0.73 -17.71 14.70
C PRO C 66 -2.05 -17.43 15.40
N LEU C 67 -1.99 -16.60 16.44
CA LEU C 67 -3.16 -16.35 17.29
C LEU C 67 -4.26 -15.61 16.59
N LEU C 68 -3.92 -14.88 15.53
CA LEU C 68 -4.90 -14.11 14.77
C LEU C 68 -5.02 -14.58 13.32
N GLN C 69 -4.97 -15.92 13.15
CA GLN C 69 -5.00 -16.50 11.86
C GLN C 69 -6.19 -16.01 11.04
N GLY C 70 -5.89 -15.45 9.86
CA GLY C 70 -6.93 -15.05 8.92
C GLY C 70 -7.54 -13.65 9.14
N LYS C 71 -7.25 -13.05 10.30
CA LYS C 71 -7.81 -11.71 10.67
C LYS C 71 -7.17 -10.62 9.88
N ILE C 72 -7.98 -9.61 9.49
CA ILE C 72 -7.49 -8.50 8.72
C ILE C 72 -7.71 -7.20 9.53
N LEU C 73 -6.63 -6.47 9.76
CA LEU C 73 -6.67 -5.16 10.42
C LEU C 73 -6.51 -4.08 9.37
N GLY C 74 -7.52 -3.19 9.23
CA GLY C 74 -7.35 -2.07 8.30
C GLY C 74 -6.56 -0.97 8.98
N LEU C 75 -5.63 -0.36 8.24
CA LEU C 75 -4.73 0.67 8.83
C LEU C 75 -4.96 1.97 8.12
N ILE C 76 -5.83 2.81 8.66
CA ILE C 76 -6.18 4.09 8.02
C ILE C 76 -5.21 5.17 8.47
N PHE C 77 -4.49 5.76 7.51
CA PHE C 77 -3.52 6.85 7.86
C PHE C 77 -3.80 8.14 7.10
N ASP C 78 -4.09 9.19 7.86
CA ASP C 78 -4.24 10.56 7.36
C ASP C 78 -3.00 11.43 7.61
N LYS C 79 -2.03 10.86 8.33
CA LYS C 79 -0.77 11.54 8.67
C LYS C 79 0.40 10.58 8.37
N HIS C 80 1.61 11.14 8.25
CA HIS C 80 2.85 10.35 8.09
C HIS C 80 3.05 9.39 9.24
N SER C 81 3.76 8.27 8.94
CA SER C 81 4.14 7.37 9.97
C SER C 81 5.24 6.44 9.46
N THR C 82 6.18 6.11 10.33
CA THR C 82 7.06 4.99 10.14
C THR C 82 6.78 3.89 11.17
N ARG C 83 6.96 4.18 12.45
CA ARG C 83 6.82 3.17 13.50
C ARG C 83 5.44 2.56 13.55
N THR C 84 4.39 3.38 13.58
CA THR C 84 3.01 2.86 13.82
C THR C 84 2.57 2.01 12.63
N ARG C 85 2.80 2.50 11.43
CA ARG C 85 2.47 1.81 10.20
C ARG C 85 3.13 0.47 10.08
N VAL C 86 4.45 0.43 10.33
CA VAL C 86 5.19 -0.79 10.12
C VAL C 86 4.92 -1.77 11.24
N SER C 87 4.92 -1.30 12.47
CA SER C 87 4.75 -2.18 13.63
C SER C 87 3.39 -2.80 13.68
N PHE C 88 2.34 -2.10 13.28
CA PHE C 88 0.99 -2.72 13.28
C PHE C 88 0.89 -3.80 12.21
N GLU C 89 1.39 -3.53 11.00
CA GLU C 89 1.29 -4.56 9.95
C GLU C 89 2.19 -5.76 10.28
N ALA C 90 3.42 -5.51 10.74
CA ALA C 90 4.33 -6.63 11.14
C ALA C 90 3.73 -7.46 12.25
N GLY C 91 3.12 -6.80 13.24
CA GLY C 91 2.46 -7.51 14.34
C GLY C 91 1.37 -8.46 13.86
N MET C 92 0.50 -7.97 12.99
CA MET C 92 -0.55 -8.75 12.44
C MET C 92 0.04 -9.97 11.70
N VAL C 93 1.04 -9.71 10.83
CA VAL C 93 1.62 -10.78 10.04
C VAL C 93 2.26 -11.82 10.89
N GLN C 94 2.96 -11.39 11.93
CA GLN C 94 3.60 -12.32 12.89
C GLN C 94 2.61 -13.17 13.67
N LEU C 95 1.39 -12.67 13.81
CA LEU C 95 0.29 -13.42 14.48
C LEU C 95 -0.58 -14.21 13.49
N GLY C 96 -0.15 -14.34 12.23
CA GLY C 96 -0.88 -15.09 11.21
C GLY C 96 -1.99 -14.37 10.50
N GLY C 97 -2.14 -13.08 10.77
CA GLY C 97 -3.16 -12.24 10.14
C GLY C 97 -2.54 -11.30 9.12
N HIS C 98 -3.24 -10.22 8.86
CA HIS C 98 -2.90 -9.29 7.75
C HIS C 98 -3.13 -7.87 8.18
N GLY C 99 -2.29 -6.93 7.69
CA GLY C 99 -2.56 -5.54 7.80
C GLY C 99 -2.82 -4.98 6.41
N MET C 100 -3.86 -4.14 6.28
CA MET C 100 -4.21 -3.53 5.04
C MET C 100 -4.05 -2.05 5.14
N PHE C 101 -2.97 -1.50 4.53
CA PHE C 101 -2.76 -0.05 4.55
C PHE C 101 -3.71 0.67 3.68
N LEU C 102 -4.33 1.68 4.28
CA LEU C 102 -5.34 2.49 3.62
C LEU C 102 -4.98 3.95 3.76
N ASN C 103 -4.35 4.51 2.71
CA ASN C 103 -3.98 5.90 2.78
C ASN C 103 -5.29 6.71 2.76
N GLY C 104 -5.41 7.64 3.70
CA GLY C 104 -6.57 8.47 3.74
C GLY C 104 -6.81 9.27 2.52
N LYS C 105 -5.76 9.62 1.76
CA LYS C 105 -5.89 10.33 0.54
C LYS C 105 -6.60 9.57 -0.58
N GLU C 106 -6.67 8.27 -0.46
CA GLU C 106 -7.28 7.41 -1.47
C GLU C 106 -8.69 7.00 -1.11
N MET C 107 -9.04 7.09 0.18
CA MET C 107 -10.38 6.71 0.64
C MET C 107 -11.44 7.74 0.25
N GLN C 108 -12.72 7.30 0.14
CA GLN C 108 -13.75 8.24 -0.27
C GLN C 108 -14.09 9.26 0.80
N MET C 109 -13.58 9.06 2.02
CA MET C 109 -13.65 10.13 3.07
C MET C 109 -13.01 11.43 2.56
N GLN C 110 -11.99 11.30 1.71
CA GLN C 110 -11.31 12.52 1.13
CA GLN C 110 -11.32 12.51 1.12
C GLN C 110 -12.28 13.30 0.24
N ARG C 111 -13.33 12.64 -0.29
CA ARG C 111 -14.31 13.23 -1.15
C ARG C 111 -15.64 13.41 -0.42
N GLY C 112 -15.56 13.38 0.90
CA GLY C 112 -16.68 13.77 1.75
C GLY C 112 -17.50 12.64 2.30
N GLU C 113 -17.12 11.38 2.04
CA GLU C 113 -17.90 10.29 2.66
C GLU C 113 -17.80 10.41 4.19
N THR C 114 -18.90 10.19 4.87
CA THR C 114 -18.91 10.32 6.31
C THR C 114 -18.09 9.20 7.00
N VAL C 115 -17.65 9.54 8.20
CA VAL C 115 -17.01 8.51 9.03
C VAL C 115 -17.99 7.39 9.37
N SER C 116 -19.26 7.69 9.66
CA SER C 116 -20.26 6.68 10.01
C SER C 116 -20.44 5.67 8.87
N ASP C 117 -20.57 6.20 7.63
CA ASP C 117 -20.74 5.32 6.49
C ASP C 117 -19.52 4.45 6.28
N THR C 118 -18.36 5.03 6.42
CA THR C 118 -17.10 4.29 6.31
C THR C 118 -17.03 3.11 7.34
N ALA C 119 -17.35 3.43 8.57
CA ALA C 119 -17.41 2.43 9.66
C ALA C 119 -18.32 1.28 9.26
N LYS C 120 -19.53 1.60 8.79
CA LYS C 120 -20.48 0.55 8.50
C LYS C 120 -20.05 -0.35 7.38
N VAL C 121 -19.48 0.19 6.31
CA VAL C 121 -19.05 -0.64 5.23
C VAL C 121 -17.79 -1.47 5.59
N LEU C 122 -16.81 -0.89 6.30
CA LEU C 122 -15.60 -1.63 6.61
C LEU C 122 -15.93 -2.83 7.52
N SER C 123 -16.91 -2.67 8.39
CA SER C 123 -17.31 -3.77 9.27
C SER C 123 -17.80 -5.02 8.51
N HIS C 124 -18.28 -4.88 7.25
CA HIS C 124 -18.64 -6.03 6.41
C HIS C 124 -17.45 -6.76 5.80
N TYR C 125 -16.27 -6.16 5.76
CA TYR C 125 -15.13 -6.66 5.02
C TYR C 125 -13.95 -7.13 5.86
N ILE C 126 -13.65 -6.40 6.95
CA ILE C 126 -12.43 -6.67 7.72
C ILE C 126 -12.77 -6.88 9.21
N ASP C 127 -11.76 -7.16 10.03
CA ASP C 127 -11.95 -7.56 11.42
C ASP C 127 -11.64 -6.54 12.52
N GLY C 128 -10.93 -5.49 12.13
CA GLY C 128 -10.62 -4.39 13.00
C GLY C 128 -10.07 -3.25 12.24
N ILE C 129 -10.02 -2.08 12.88
CA ILE C 129 -9.48 -0.87 12.24
C ILE C 129 -8.50 -0.17 13.19
N MET C 130 -7.33 0.20 12.69
CA MET C 130 -6.47 1.13 13.42
C MET C 130 -6.51 2.39 12.60
N ILE C 131 -6.68 3.55 13.26
CA ILE C 131 -6.78 4.79 12.53
C ILE C 131 -5.90 5.87 13.16
N ARG C 132 -5.12 6.55 12.30
CA ARG C 132 -4.33 7.74 12.68
C ARG C 132 -4.86 8.90 11.91
N THR C 133 -5.28 9.95 12.63
CA THR C 133 -5.88 11.13 11.95
C THR C 133 -5.75 12.37 12.80
N PHE C 134 -6.50 13.40 12.46
CA PHE C 134 -6.41 14.72 13.15
C PHE C 134 -7.43 14.75 14.29
N SER C 135 -8.70 14.67 13.92
CA SER C 135 -9.79 14.91 14.88
C SER C 135 -10.04 13.68 15.73
N HIS C 136 -9.83 13.85 17.04
CA HIS C 136 -10.14 12.77 17.95
C HIS C 136 -11.64 12.38 17.90
N ALA C 137 -12.48 13.37 17.74
CA ALA C 137 -13.92 13.10 17.58
C ALA C 137 -14.24 12.13 16.43
N ASP C 138 -13.53 12.25 15.32
CA ASP C 138 -13.66 11.31 14.19
C ASP C 138 -13.39 9.90 14.61
N VAL C 139 -12.37 9.65 15.44
CA VAL C 139 -12.05 8.29 15.87
CA VAL C 139 -12.08 8.24 15.84
C VAL C 139 -13.12 7.77 16.84
N GLU C 140 -13.63 8.68 17.69
CA GLU C 140 -14.76 8.32 18.56
C GLU C 140 -16.00 7.85 17.74
N GLU C 141 -16.31 8.59 16.70
CA GLU C 141 -17.41 8.27 15.80
C GLU C 141 -17.19 6.96 15.07
N LEU C 142 -15.97 6.72 14.62
CA LEU C 142 -15.62 5.49 13.91
C LEU C 142 -15.87 4.31 14.85
N ALA C 143 -15.44 4.45 16.09
CA ALA C 143 -15.61 3.36 17.06
C ALA C 143 -17.09 3.15 17.33
N LYS C 144 -17.85 4.21 17.48
CA LYS C 144 -19.28 4.12 17.84
C LYS C 144 -20.07 3.42 16.74
N GLU C 145 -19.74 3.74 15.50
CA GLU C 145 -20.50 3.22 14.37
C GLU C 145 -20.02 1.89 13.80
N SER C 146 -18.85 1.43 14.25
CA SER C 146 -18.22 0.19 13.78
CA SER C 146 -18.25 0.19 13.78
C SER C 146 -18.64 -0.97 14.68
N SER C 147 -18.93 -2.13 14.09
CA SER C 147 -19.16 -3.35 14.90
C SER C 147 -17.89 -4.13 15.17
N ILE C 148 -16.78 -3.72 14.59
CA ILE C 148 -15.45 -4.29 14.81
C ILE C 148 -14.58 -3.37 15.69
N PRO C 149 -13.53 -3.92 16.31
CA PRO C 149 -12.67 -3.10 17.20
C PRO C 149 -11.98 -1.97 16.46
N VAL C 150 -11.84 -0.82 17.15
CA VAL C 150 -11.15 0.34 16.60
C VAL C 150 -10.05 0.72 17.61
N ILE C 151 -8.87 0.93 17.04
CA ILE C 151 -7.68 1.36 17.77
C ILE C 151 -7.18 2.71 17.26
N ASN C 152 -6.98 3.63 18.19
CA ASN C 152 -6.43 4.96 17.84
C ASN C 152 -4.90 4.83 17.72
N GLY C 153 -4.41 4.99 16.51
CA GLY C 153 -2.96 5.01 16.21
C GLY C 153 -2.26 6.37 16.20
N LEU C 154 -2.98 7.39 16.71
CA LEU C 154 -2.60 8.77 17.07
C LEU C 154 -3.69 9.71 16.49
N THR C 155 -4.10 10.65 17.30
CA THR C 155 -4.95 11.76 16.91
C THR C 155 -4.30 13.02 17.45
N ASP C 156 -4.90 14.16 17.18
CA ASP C 156 -4.36 15.42 17.67
C ASP C 156 -4.29 15.39 19.19
N ASP C 157 -5.21 14.69 19.82
CA ASP C 157 -5.30 14.66 21.28
C ASP C 157 -4.71 13.49 22.08
N HIS C 158 -4.58 12.32 21.48
CA HIS C 158 -4.15 11.12 22.20
C HIS C 158 -3.29 10.21 21.31
N HIS C 159 -2.29 9.54 21.91
CA HIS C 159 -1.46 8.52 21.28
C HIS C 159 -1.28 7.29 22.21
N PRO C 160 -2.39 6.56 22.47
CA PRO C 160 -2.40 5.65 23.59
C PRO C 160 -1.50 4.42 23.41
N CYS C 161 -1.32 3.96 22.15
CA CYS C 161 -0.46 2.81 21.91
C CYS C 161 1.02 3.12 22.17
N GLN C 162 1.40 4.37 21.93
CA GLN C 162 2.74 4.81 22.30
C GLN C 162 2.95 4.70 23.82
N ALA C 163 2.02 5.24 24.60
CA ALA C 163 2.15 5.24 26.07
C ALA C 163 2.13 3.83 26.66
N LEU C 164 1.33 2.94 26.08
CA LEU C 164 1.32 1.54 26.50
C LEU C 164 2.66 0.86 26.30
N ALA C 165 3.28 1.09 25.14
CA ALA C 165 4.62 0.63 24.88
C ALA C 165 5.66 1.29 25.81
N ASP C 166 5.50 2.56 26.10
CA ASP C 166 6.37 3.25 27.02
C ASP C 166 6.32 2.70 28.48
N LEU C 167 5.12 2.40 28.95
CA LEU C 167 4.98 1.65 30.22
C LEU C 167 5.72 0.32 30.20
N MET C 168 5.59 -0.43 29.11
CA MET C 168 6.31 -1.68 28.99
C MET C 168 7.82 -1.47 29.07
N THR C 169 8.30 -0.46 28.35
CA THR C 169 9.72 -0.14 28.34
C THR C 169 10.25 0.24 29.75
N ILE C 170 9.47 1.05 30.47
CA ILE C 170 9.82 1.43 31.82
C ILE C 170 9.87 0.17 32.71
N TYR C 171 8.79 -0.61 32.63
CA TYR C 171 8.65 -1.83 33.47
C TYR C 171 9.81 -2.83 33.24
N GLU C 172 10.25 -2.96 32.00
CA GLU C 172 11.41 -3.82 31.72
C GLU C 172 12.67 -3.39 32.48
N GLU C 173 12.84 -2.09 32.68
CA GLU C 173 13.97 -1.57 33.45
C GLU C 173 13.73 -1.69 34.95
N THR C 174 12.56 -1.29 35.42
CA THR C 174 12.34 -1.09 36.88
C THR C 174 11.71 -2.27 37.60
N ASN C 175 10.98 -3.08 36.87
CA ASN C 175 10.10 -4.09 37.41
C ASN C 175 9.00 -3.64 38.37
N THR C 176 8.66 -2.37 38.32
CA THR C 176 7.62 -1.81 39.20
C THR C 176 7.32 -0.41 38.74
N PHE C 177 6.13 0.07 39.05
CA PHE C 177 5.78 1.47 38.87
C PHE C 177 5.75 2.28 40.17
N LYS C 178 5.88 1.58 41.28
CA LYS C 178 5.87 2.17 42.58
C LYS C 178 7.16 2.92 42.87
N GLY C 179 7.06 4.22 43.13
CA GLY C 179 8.22 5.04 43.51
C GLY C 179 9.03 5.51 42.30
N ILE C 180 8.52 5.27 41.09
CA ILE C 180 9.25 5.66 39.88
C ILE C 180 8.74 7.04 39.49
N LYS C 181 9.66 7.86 39.00
CA LYS C 181 9.34 9.19 38.58
C LYS C 181 9.70 9.37 37.09
N LEU C 182 8.68 9.76 36.35
CA LEU C 182 8.77 10.07 34.92
C LEU C 182 8.61 11.57 34.78
N ALA C 183 9.54 12.23 34.07
CA ALA C 183 9.43 13.68 33.79
C ALA C 183 9.29 13.87 32.28
N TYR C 184 8.17 14.48 31.85
CA TYR C 184 7.96 14.82 30.47
C TYR C 184 8.25 16.40 30.40
N VAL C 185 9.13 16.73 29.45
CA VAL C 185 9.53 18.13 29.19
C VAL C 185 9.30 18.38 27.72
N GLY C 186 8.45 19.35 27.40
CA GLY C 186 8.11 19.65 25.99
C GLY C 186 6.72 20.27 25.87
N ASP C 187 6.08 20.00 24.73
CA ASP C 187 4.74 20.54 24.43
C ASP C 187 3.69 19.72 25.09
N GLY C 188 2.64 20.36 25.60
CA GLY C 188 1.46 19.71 26.15
C GLY C 188 0.57 19.12 25.08
N ASN C 189 1.05 18.05 24.44
CA ASN C 189 0.48 17.49 23.19
C ASN C 189 -0.09 16.08 23.41
N ASN C 190 -0.46 15.44 22.31
CA ASN C 190 -1.03 14.08 22.37
C ASN C 190 -0.26 13.05 23.17
N VAL C 191 1.06 13.04 23.02
CA VAL C 191 1.93 12.08 23.70
C VAL C 191 1.97 12.44 25.19
N CYS C 192 2.06 13.72 25.53
CA CYS C 192 1.97 14.14 26.92
C CYS C 192 0.65 13.65 27.54
N HIS C 193 -0.48 13.85 26.85
CA HIS C 193 -1.77 13.42 27.36
C HIS C 193 -1.81 11.93 27.66
N SER C 194 -1.31 11.13 26.73
CA SER C 194 -1.33 9.67 26.92
C SER C 194 -0.43 9.22 28.04
N LEU C 195 0.73 9.86 28.18
CA LEU C 195 1.61 9.53 29.31
C LEU C 195 0.97 9.91 30.65
N LEU C 196 0.28 11.05 30.71
CA LEU C 196 -0.42 11.46 31.93
C LEU C 196 -1.43 10.41 32.37
N LEU C 197 -2.24 9.97 31.42
CA LEU C 197 -3.24 8.95 31.72
C LEU C 197 -2.62 7.61 32.07
N ALA C 198 -1.59 7.21 31.33
CA ALA C 198 -0.88 5.94 31.59
C ALA C 198 -0.24 5.93 32.97
N SER C 199 0.44 7.00 33.33
CA SER C 199 1.13 7.10 34.61
C SER C 199 0.12 7.03 35.73
N ALA C 200 -0.98 7.78 35.59
CA ALA C 200 -1.99 7.76 36.60
C ALA C 200 -2.59 6.35 36.79
N LYS C 201 -2.85 5.67 35.68
CA LYS C 201 -3.44 4.34 35.74
C LYS C 201 -2.56 3.34 36.52
N VAL C 202 -1.23 3.41 36.36
CA VAL C 202 -0.37 2.41 36.98
C VAL C 202 0.23 2.89 38.32
N GLY C 203 -0.08 4.11 38.71
CA GLY C 203 0.44 4.64 39.98
C GLY C 203 1.84 5.24 39.99
N MET C 204 2.36 5.59 38.80
CA MET C 204 3.68 6.17 38.65
C MET C 204 3.61 7.69 38.85
N HIS C 205 4.65 8.26 39.46
CA HIS C 205 4.75 9.70 39.63
CA HIS C 205 4.82 9.75 39.65
C HIS C 205 5.17 10.31 38.30
N MET C 206 4.46 11.34 37.90
CA MET C 206 4.76 12.01 36.63
C MET C 206 4.73 13.52 36.84
N THR C 207 5.77 14.19 36.33
CA THR C 207 5.79 15.65 36.25
C THR C 207 5.85 16.06 34.78
N VAL C 208 5.22 17.19 34.48
CA VAL C 208 5.22 17.77 33.16
C VAL C 208 5.81 19.19 33.28
N ALA C 209 6.69 19.57 32.34
CA ALA C 209 7.05 20.97 32.16
C ALA C 209 6.83 21.37 30.73
N THR C 210 6.06 22.42 30.52
CA THR C 210 5.82 23.00 29.22
C THR C 210 6.04 24.51 29.32
N PRO C 211 6.32 25.15 28.18
CA PRO C 211 6.23 26.60 28.18
C PRO C 211 4.85 27.14 28.52
N VAL C 212 4.83 28.35 29.08
CA VAL C 212 3.60 29.08 29.27
C VAL C 212 2.88 29.17 27.91
N GLY C 213 1.58 28.91 27.94
CA GLY C 213 0.73 28.91 26.77
C GLY C 213 0.65 27.57 26.05
N TYR C 214 1.40 26.58 26.55
CA TYR C 214 1.44 25.24 25.93
C TYR C 214 1.20 24.09 26.89
N ARG C 215 0.40 24.35 27.93
CA ARG C 215 0.12 23.32 28.96
C ARG C 215 -0.75 22.22 28.34
N PRO C 216 -0.65 21.01 28.84
CA PRO C 216 -1.58 19.98 28.48
C PRO C 216 -3.02 20.45 28.73
N ASN C 217 -3.94 19.85 27.98
CA ASN C 217 -5.34 20.15 28.09
C ASN C 217 -5.88 19.96 29.49
N GLU C 218 -6.57 20.96 30.00
CA GLU C 218 -6.93 20.92 31.40
C GLU C 218 -7.94 19.80 31.72
N GLU C 219 -8.82 19.49 30.79
CA GLU C 219 -9.78 18.43 31.07
C GLU C 219 -9.05 17.09 31.19
N ILE C 220 -8.02 16.88 30.37
CA ILE C 220 -7.20 15.63 30.44
C ILE C 220 -6.40 15.58 31.75
N VAL C 221 -5.80 16.70 32.11
CA VAL C 221 -5.13 16.83 33.43
C VAL C 221 -6.11 16.44 34.57
N LYS C 222 -7.33 16.97 34.55
CA LYS C 222 -8.32 16.61 35.59
C LYS C 222 -8.67 15.11 35.64
N LYS C 223 -8.83 14.50 34.47
CA LYS C 223 -9.03 13.07 34.36
C LYS C 223 -7.88 12.28 34.95
N ALA C 224 -6.64 12.67 34.60
CA ALA C 224 -5.47 12.01 35.17
C ALA C 224 -5.38 12.12 36.70
N LEU C 225 -5.69 13.31 37.21
CA LEU C 225 -5.66 13.54 38.67
C LEU C 225 -6.70 12.71 39.38
N ALA C 226 -7.88 12.59 38.79
CA ALA C 226 -8.93 11.75 39.36
C ALA C 226 -8.54 10.29 39.39
N ILE C 227 -7.92 9.81 38.31
CA ILE C 227 -7.42 8.42 38.29
C ILE C 227 -6.32 8.27 39.37
N ALA C 228 -5.42 9.24 39.45
CA ALA C 228 -4.26 9.21 40.36
C ALA C 228 -4.68 9.15 41.84
N LYS C 229 -5.84 9.74 42.14
CA LYS C 229 -6.39 9.67 43.51
C LYS C 229 -6.55 8.23 43.98
N GLU C 230 -7.00 7.36 43.10
CA GLU C 230 -7.19 5.95 43.42
C GLU C 230 -5.91 5.15 43.47
N THR C 231 -4.90 5.53 42.70
CA THR C 231 -3.74 4.66 42.49
C THR C 231 -2.49 5.05 43.26
N GLY C 232 -2.47 6.26 43.83
CA GLY C 232 -1.29 6.73 44.54
C GLY C 232 -0.31 7.53 43.68
N ALA C 233 -0.64 7.73 42.41
CA ALA C 233 0.24 8.48 41.50
C ALA C 233 0.27 9.96 41.88
N GLU C 234 1.43 10.60 41.85
CA GLU C 234 1.56 12.05 42.08
C GLU C 234 1.76 12.64 40.66
N ILE C 235 0.82 13.46 40.21
CA ILE C 235 0.87 14.09 38.88
C ILE C 235 1.02 15.59 39.12
N GLU C 236 2.07 16.19 38.54
CA GLU C 236 2.33 17.58 38.75
C GLU C 236 2.60 18.28 37.43
N ILE C 237 1.86 19.36 37.19
CA ILE C 237 2.01 20.10 35.91
C ILE C 237 2.73 21.42 36.28
N LEU C 238 3.88 21.65 35.65
CA LEU C 238 4.79 22.78 36.01
C LEU C 238 5.22 23.52 34.73
N HIS C 239 6.00 24.59 34.94
CA HIS C 239 6.64 25.30 33.80
C HIS C 239 8.17 25.18 33.79
N ASN C 240 8.81 25.15 34.95
CA ASN C 240 10.27 25.14 35.02
C ASN C 240 10.82 23.73 34.77
N PRO C 241 11.61 23.54 33.70
CA PRO C 241 12.07 22.20 33.37
C PRO C 241 13.05 21.58 34.33
N GLU C 242 13.92 22.40 34.91
CA GLU C 242 14.86 21.85 35.90
C GLU C 242 14.14 21.28 37.13
N LEU C 243 13.09 21.98 37.58
CA LEU C 243 12.28 21.47 38.71
C LEU C 243 11.56 20.15 38.31
N ALA C 244 11.04 20.11 37.08
CA ALA C 244 10.33 18.90 36.61
C ALA C 244 11.19 17.64 36.61
N VAL C 245 12.46 17.78 36.20
CA VAL C 245 13.33 16.61 36.04
C VAL C 245 14.05 16.24 37.33
N ASN C 246 13.92 17.05 38.37
CA ASN C 246 14.61 16.77 39.65
C ASN C 246 14.37 15.32 40.13
N GLU C 247 15.45 14.58 40.28
CA GLU C 247 15.43 13.19 40.78
C GLU C 247 14.55 12.24 39.92
N ALA C 248 14.39 12.59 38.65
CA ALA C 248 13.63 11.70 37.75
C ALA C 248 14.41 10.44 37.42
N ASP C 249 13.66 9.34 37.23
CA ASP C 249 14.18 8.06 36.72
C ASP C 249 14.15 8.02 35.18
N PHE C 250 13.19 8.75 34.60
CA PHE C 250 13.08 8.86 33.14
C PHE C 250 12.78 10.28 32.75
N ILE C 251 13.43 10.76 31.66
CA ILE C 251 13.13 12.02 31.03
C ILE C 251 12.63 11.75 29.62
N TYR C 252 11.46 12.30 29.29
CA TYR C 252 10.79 12.04 28.01
C TYR C 252 10.56 13.33 27.28
N THR C 253 10.84 13.42 25.98
CA THR C 253 10.44 14.57 25.20
C THR C 253 9.82 14.12 23.85
N ASP C 254 9.43 15.09 23.05
CA ASP C 254 8.80 14.90 21.75
C ASP C 254 9.08 16.18 20.98
N VAL C 255 8.77 16.16 19.71
CA VAL C 255 8.99 17.30 18.83
C VAL C 255 8.14 18.51 19.24
N TRP C 256 8.64 19.69 18.93
CA TRP C 256 7.96 20.94 19.28
C TRP C 256 6.78 21.27 18.33
N MET C 257 6.84 20.80 17.11
CA MET C 257 5.80 21.05 16.11
CA MET C 257 5.76 21.05 16.15
C MET C 257 5.25 19.68 15.68
N SER C 258 4.11 19.34 16.20
CA SER C 258 3.48 18.07 15.87
C SER C 258 2.81 18.15 14.50
N MET C 259 2.44 16.99 13.97
CA MET C 259 1.85 16.91 12.65
C MET C 259 0.57 17.74 12.55
N GLY C 260 -0.17 17.79 13.61
CA GLY C 260 -1.32 18.67 13.68
C GLY C 260 -1.06 20.19 13.61
N GLN C 261 0.21 20.64 13.67
CA GLN C 261 0.67 22.07 13.81
C GLN C 261 1.71 22.82 12.85
N GLU C 262 1.80 22.61 11.53
CA GLU C 262 2.91 23.24 10.72
C GLU C 262 3.02 24.79 10.65
N GLY C 263 1.91 25.48 10.77
CA GLY C 263 1.93 26.94 10.71
C GLY C 263 2.72 27.62 11.81
N GLU C 264 2.80 26.99 12.96
CA GLU C 264 3.24 27.64 14.18
C GLU C 264 4.76 27.70 14.35
N GLU C 265 5.41 28.46 13.50
CA GLU C 265 6.86 28.57 13.53
C GLU C 265 7.44 29.27 14.76
N GLU C 266 6.63 30.07 15.41
CA GLU C 266 7.07 30.87 16.54
C GLU C 266 7.60 29.96 17.63
N LYS C 267 7.05 28.77 17.70
CA LYS C 267 7.31 27.86 18.76
C LYS C 267 8.79 27.62 18.93
N TYR C 268 9.54 27.61 17.84
CA TYR C 268 10.91 27.17 17.92
C TYR C 268 11.72 28.01 18.88
N THR C 269 11.55 29.31 18.90
CA THR C 269 12.25 30.12 19.89
C THR C 269 11.74 29.93 21.32
N LEU C 270 10.43 29.85 21.49
CA LEU C 270 9.82 29.71 22.81
C LEU C 270 10.22 28.47 23.55
N PHE C 271 10.44 27.42 22.78
CA PHE C 271 10.69 26.13 23.34
C PHE C 271 12.17 25.83 23.59
N GLN C 272 13.07 26.70 23.14
CA GLN C 272 14.53 26.48 23.36
C GLN C 272 14.96 26.10 24.79
N PRO C 273 14.40 26.75 25.81
CA PRO C 273 14.73 26.37 27.22
C PRO C 273 14.28 25.02 27.67
N TYR C 274 13.52 24.33 26.80
CA TYR C 274 12.92 22.98 27.06
C TYR C 274 13.72 21.89 26.40
N GLN C 275 14.81 22.26 25.72
CA GLN C 275 15.63 21.23 25.10
C GLN C 275 16.23 20.27 26.12
N ILE C 276 16.23 18.98 25.81
CA ILE C 276 16.86 17.97 26.64
C ILE C 276 18.33 17.94 26.25
N ASN C 277 19.16 18.45 27.13
CA ASN C 277 20.61 18.52 26.90
C ASN C 277 21.37 18.22 28.18
N LYS C 278 22.71 18.15 28.08
CA LYS C 278 23.57 17.83 29.22
C LYS C 278 23.29 18.66 30.49
N GLU C 279 23.06 19.94 30.30
CA GLU C 279 22.79 20.87 31.42
C GLU C 279 21.49 20.53 32.15
N LEU C 280 20.47 20.12 31.41
CA LEU C 280 19.19 19.76 31.99
C LEU C 280 19.28 18.42 32.73
N VAL C 281 19.80 17.38 32.05
CA VAL C 281 19.66 16.04 32.60
C VAL C 281 20.51 15.82 33.84
N LYS C 282 21.51 16.66 34.09
CA LYS C 282 22.30 16.47 35.31
C LYS C 282 21.42 16.65 36.57
N HIS C 283 20.25 17.29 36.44
CA HIS C 283 19.33 17.44 37.60
C HIS C 283 18.49 16.20 37.93
N ALA C 284 18.44 15.27 37.01
CA ALA C 284 17.79 14.00 37.23
C ALA C 284 18.71 13.02 37.96
N LYS C 285 18.23 11.82 38.25
CA LYS C 285 19.07 10.78 38.82
C LYS C 285 20.24 10.46 37.90
N GLN C 286 21.39 10.10 38.50
CA GLN C 286 22.54 9.70 37.64
C GLN C 286 22.19 8.47 36.80
N THR C 287 21.27 7.65 37.29
CA THR C 287 20.81 6.42 36.64
C THR C 287 19.57 6.63 35.73
N TYR C 288 19.18 7.86 35.46
CA TYR C 288 18.04 8.11 34.59
C TYR C 288 18.22 7.55 33.18
N HIS C 289 17.09 7.30 32.50
CA HIS C 289 17.10 6.96 31.07
C HIS C 289 16.25 7.90 30.30
N PHE C 290 16.66 8.11 29.05
CA PHE C 290 16.01 9.04 28.12
C PHE C 290 15.09 8.29 27.16
N LEU C 291 13.86 8.79 27.07
CA LEU C 291 12.81 8.32 26.21
C LEU C 291 12.37 9.42 25.23
N HIS C 292 11.95 9.00 24.05
CA HIS C 292 11.44 9.90 23.03
C HIS C 292 10.57 9.05 22.10
N CYS C 293 9.35 9.46 21.86
CA CYS C 293 8.49 8.61 20.98
C CYS C 293 9.00 8.40 19.55
N LEU C 294 9.80 9.34 19.06
CA LEU C 294 10.26 9.43 17.68
C LEU C 294 9.12 9.74 16.74
N PRO C 295 9.39 10.38 15.59
CA PRO C 295 10.70 10.84 15.17
C PRO C 295 11.27 11.99 15.98
N ALA C 296 12.60 12.07 16.01
CA ALA C 296 13.30 13.09 16.74
C ALA C 296 13.98 14.09 15.78
N HIS C 297 14.19 15.31 16.28
CA HIS C 297 14.94 16.32 15.54
C HIS C 297 16.17 16.76 16.40
N ARG C 298 17.32 16.15 16.16
CA ARG C 298 18.49 16.46 16.96
C ARG C 298 18.79 17.96 16.86
N GLU C 299 19.18 18.50 17.99
CA GLU C 299 19.51 19.93 18.21
C GLU C 299 18.30 20.83 18.26
N GLU C 300 17.08 20.25 18.26
CA GLU C 300 15.87 20.95 18.64
C GLU C 300 15.48 20.44 20.00
N GLU C 301 14.50 19.53 20.10
CA GLU C 301 14.04 19.12 21.41
C GLU C 301 15.02 18.30 22.21
N VAL C 302 16.00 17.69 21.55
CA VAL C 302 17.03 16.88 22.23
C VAL C 302 18.33 17.04 21.47
N THR C 303 19.46 17.04 22.18
CA THR C 303 20.77 17.07 21.48
C THR C 303 21.19 15.67 21.08
N GLY C 304 22.01 15.59 20.03
CA GLY C 304 22.61 14.30 19.64
C GLY C 304 23.30 13.65 20.82
N GLU C 305 24.00 14.44 21.62
CA GLU C 305 24.72 13.92 22.75
C GLU C 305 23.83 13.09 23.69
N ILE C 306 22.57 13.52 23.90
CA ILE C 306 21.65 12.81 24.77
C ILE C 306 21.03 11.61 24.08
N ILE C 307 20.46 11.81 22.90
CA ILE C 307 19.66 10.73 22.25
C ILE C 307 20.56 9.59 21.78
N ASP C 308 21.79 9.94 21.45
CA ASP C 308 22.80 8.97 21.01
C ASP C 308 23.74 8.52 22.11
N GLY C 309 23.47 8.98 23.33
CA GLY C 309 24.35 8.68 24.44
C GLY C 309 23.95 7.48 25.28
N PRO C 310 24.72 7.19 26.33
CA PRO C 310 24.60 5.92 26.99
C PRO C 310 23.33 5.73 27.81
N GLN C 311 22.60 6.80 28.13
CA GLN C 311 21.34 6.72 28.91
C GLN C 311 20.10 6.68 28.04
N SER C 312 20.27 6.77 26.73
CA SER C 312 19.12 6.69 25.82
C SER C 312 18.66 5.25 25.57
N ILE C 313 17.36 5.07 25.60
CA ILE C 313 16.74 3.79 25.29
C ILE C 313 15.67 3.89 24.21
N VAL C 314 15.80 4.90 23.35
CA VAL C 314 14.71 5.21 22.41
C VAL C 314 14.48 4.10 21.38
N PHE C 315 15.52 3.31 21.04
CA PHE C 315 15.31 2.26 20.02
C PHE C 315 14.66 1.02 20.60
N GLU C 316 14.99 0.68 21.85
CA GLU C 316 14.22 -0.39 22.54
C GLU C 316 12.80 0.01 22.79
N GLN C 317 12.58 1.27 23.12
CA GLN C 317 11.26 1.86 23.30
C GLN C 317 10.44 1.74 22.02
N ALA C 318 11.05 2.09 20.89
CA ALA C 318 10.34 1.91 19.59
C ALA C 318 10.09 0.44 19.27
N GLY C 319 11.05 -0.42 19.58
CA GLY C 319 10.83 -1.85 19.34
C GLY C 319 9.62 -2.41 20.11
N ASN C 320 9.40 -1.87 21.32
CA ASN C 320 8.28 -2.34 22.12
C ASN C 320 6.90 -1.90 21.62
N ARG C 321 6.82 -0.96 20.66
CA ARG C 321 5.55 -0.71 19.97
C ARG C 321 5.04 -2.03 19.40
N LEU C 322 5.93 -2.81 18.81
CA LEU C 322 5.50 -4.10 18.19
C LEU C 322 4.85 -5.00 19.21
N HIS C 323 5.53 -5.28 20.31
CA HIS C 323 5.07 -6.29 21.29
C HIS C 323 3.84 -5.82 22.08
N ALA C 324 3.85 -4.53 22.50
CA ALA C 324 2.72 -4.00 23.30
C ALA C 324 1.46 -4.03 22.41
N GLN C 325 1.61 -3.70 21.12
CA GLN C 325 0.48 -3.72 20.22
C GLN C 325 -0.01 -5.12 19.92
N LYS C 326 0.89 -6.07 19.81
CA LYS C 326 0.47 -7.49 19.54
C LYS C 326 -0.39 -7.96 20.74
N ALA C 327 0.01 -7.63 21.97
CA ALA C 327 -0.79 -8.01 23.14
C ALA C 327 -2.18 -7.39 23.08
N LEU C 328 -2.26 -6.10 22.74
CA LEU C 328 -3.52 -5.40 22.62
C LEU C 328 -4.41 -6.03 21.56
N LEU C 329 -3.81 -6.34 20.40
CA LEU C 329 -4.57 -6.91 19.28
C LEU C 329 -5.15 -8.25 19.65
N VAL C 330 -4.33 -9.11 20.23
CA VAL C 330 -4.83 -10.45 20.59
C VAL C 330 -5.98 -10.35 21.59
N SER C 331 -5.86 -9.44 22.56
CA SER C 331 -6.93 -9.24 23.54
C SER C 331 -8.21 -8.67 22.95
N LEU C 332 -8.10 -7.69 22.05
CA LEU C 332 -9.30 -7.05 21.50
C LEU C 332 -10.07 -7.93 20.55
N PHE C 333 -9.28 -8.66 19.77
CA PHE C 333 -9.79 -9.69 18.86
CA PHE C 333 -9.82 -9.64 18.85
C PHE C 333 -10.34 -10.91 19.59
N LYS C 334 -9.85 -11.19 20.80
CA LYS C 334 -10.40 -12.29 21.68
C LYS C 334 -11.88 -12.03 21.98
N ASN C 335 -12.25 -10.78 22.21
CA ASN C 335 -13.66 -10.40 22.28
C ASN C 335 -14.16 -10.67 20.85
#